data_6NKJ
#
_entry.id   6NKJ
#
_cell.length_a   120.713
_cell.length_b   120.713
_cell.length_c   70.614
_cell.angle_alpha   90.00
_cell.angle_beta   90.00
_cell.angle_gamma   120.00
#
_symmetry.space_group_name_H-M   'P 32'
#
loop_
_entity.id
_entity.type
_entity.pdbx_description
1 polymer 'UDP-N-acetylglucosamine 1-carboxyvinyltransferase 1'
2 non-polymer '(2R)-2-(phosphonooxy)propanoic acid'
3 non-polymer 'CITRIC ACID'
4 non-polymer 'CHLORIDE ION'
5 non-polymer 1,2-ETHANEDIOL
6 water water
#
_entity_poly.entity_id   1
_entity_poly.type   'polypeptide(L)'
_entity_poly.pdbx_seq_one_letter_code
;SNAMDKIVVQGGDNRLVGSVTIEGAKNAVLPLLAATILASEGKTVLQNVPILSDVFIMNQVVGGLNAKVDFDEEAHLVKV
DATGDITEEAPYKYVSKMRASIVVLGPILARVGHAKVSMPGGCTIGSRPIDLHLKGLEAMGVKISQTAGYIEAKAERLHG
AHIYMDFPSVGATQNLMMAATLADGVTVIENAAREPEIVDLAILLNEMGAKVKGAGTETITITGVEKLHGTTHNVVQDRI
EAGTFMVAAAMTGGDVLIRDAVWEHNRPLIAKLLEMGVEVIEEDEGIRVRSQLENLKAVHVKTLPHPGFPTDMQAQFTAL
MTVAKGESTMVETVFENRFQHLEEMRRMGLHSEIIRDTARIVGGQPLQGAEVLSTDLRASAALILTGLVAQGETVVGKLV
HLDRGYYGFHEKLAQLGAKIQRIEASDEDE
;
_entity_poly.pdbx_strand_id   A,B
#
loop_
_chem_comp.id
_chem_comp.type
_chem_comp.name
_chem_comp.formula
0V5 non-polymer '(2R)-2-(phosphonooxy)propanoic acid' 'C3 H7 O6 P'
CIT non-polymer 'CITRIC ACID' 'C6 H8 O7'
CL non-polymer 'CHLORIDE ION' 'Cl -1'
EDO non-polymer 1,2-ETHANEDIOL 'C2 H6 O2'
#
# COMPACT_ATOMS: atom_id res chain seq x y z
N MET A 4 4.26 10.97 15.25
N MET A 4 4.25 10.98 16.29
CA MET A 4 4.74 12.35 15.59
CA MET A 4 4.69 12.35 15.88
C MET A 4 3.51 13.25 15.89
C MET A 4 3.47 13.28 15.96
N ASP A 5 3.42 14.37 15.18
CA ASP A 5 2.29 15.32 15.35
C ASP A 5 0.96 14.66 14.98
N LYS A 6 -0.13 15.25 15.44
N LYS A 6 -0.14 15.28 15.40
CA LYS A 6 -1.49 14.82 15.08
CA LYS A 6 -1.48 14.77 15.02
C LYS A 6 -2.32 16.04 14.70
C LYS A 6 -2.40 15.98 14.78
N ILE A 7 -3.28 15.86 13.79
CA ILE A 7 -4.26 16.94 13.49
C ILE A 7 -5.56 16.51 14.15
N VAL A 8 -6.16 17.40 14.95
CA VAL A 8 -7.38 17.09 15.72
C VAL A 8 -8.48 18.00 15.21
N VAL A 9 -9.59 17.40 14.78
CA VAL A 9 -10.71 18.19 14.26
C VAL A 9 -11.96 17.95 15.10
N GLN A 10 -12.61 19.05 15.51
N GLN A 10 -12.64 19.02 15.53
CA GLN A 10 -13.90 18.98 16.23
CA GLN A 10 -13.96 18.84 16.20
C GLN A 10 -14.95 19.00 15.13
C GLN A 10 -14.97 19.01 15.07
N GLY A 11 -15.64 17.88 14.94
N GLY A 11 -15.50 17.89 14.55
CA GLY A 11 -16.57 17.73 13.80
CA GLY A 11 -16.36 17.96 13.35
C GLY A 11 -17.82 18.56 13.89
C GLY A 11 -17.84 18.13 13.64
N GLY A 12 -18.41 18.83 12.72
N GLY A 12 -18.59 18.51 12.60
CA GLY A 12 -19.69 19.55 12.59
CA GLY A 12 -20.05 18.65 12.67
C GLY A 12 -19.56 21.04 12.81
C GLY A 12 -20.55 20.04 12.32
N ASP A 13 -20.50 21.81 12.25
N ASP A 13 -19.81 21.09 12.69
CA ASP A 13 -20.48 23.27 12.43
CA ASP A 13 -20.27 22.49 12.45
C ASP A 13 -19.14 23.81 11.92
C ASP A 13 -19.04 23.34 12.11
N ASN A 14 -18.55 23.21 10.87
CA ASN A 14 -17.29 23.80 10.35
C ASN A 14 -17.51 24.51 9.01
N ARG A 15 -18.57 25.27 8.89
CA ARG A 15 -18.79 26.02 7.63
C ARG A 15 -17.57 26.90 7.37
N LEU A 16 -16.94 26.72 6.21
CA LEU A 16 -15.70 27.49 5.93
C LEU A 16 -16.05 28.79 5.21
N VAL A 17 -15.58 29.91 5.74
CA VAL A 17 -15.89 31.24 5.18
C VAL A 17 -14.64 32.10 5.22
N GLY A 18 -14.29 32.68 4.08
CA GLY A 18 -13.15 33.60 4.02
C GLY A 18 -12.36 33.45 2.74
N SER A 19 -11.08 33.79 2.80
CA SER A 19 -10.20 33.77 1.60
C SER A 19 -8.96 32.97 1.97
N VAL A 20 -8.42 32.24 1.00
CA VAL A 20 -7.21 31.41 1.25
C VAL A 20 -6.17 31.66 0.16
N THR A 21 -4.92 31.73 0.61
CA THR A 21 -3.75 31.86 -0.29
C THR A 21 -3.22 30.46 -0.57
N ILE A 22 -2.85 30.23 -1.83
CA ILE A 22 -2.40 28.90 -2.32
C ILE A 22 -0.91 29.00 -2.66
N GLU A 23 -0.17 27.95 -2.33
CA GLU A 23 1.29 27.93 -2.59
C GLU A 23 1.59 27.63 -4.07
N GLY A 24 2.85 27.79 -4.45
CA GLY A 24 3.32 27.32 -5.75
C GLY A 24 3.19 25.81 -5.82
N ALA A 25 3.02 25.29 -7.02
CA ALA A 25 2.75 23.86 -7.25
C ALA A 25 3.92 22.95 -6.88
N LYS A 26 3.65 22.01 -5.99
CA LYS A 26 4.64 20.98 -5.67
C LYS A 26 5.04 20.23 -6.95
N ASN A 27 4.04 19.88 -7.77
CA ASN A 27 4.33 19.04 -8.95
C ASN A 27 4.91 19.85 -10.11
N ALA A 28 5.02 21.16 -9.99
CA ALA A 28 5.77 21.92 -11.01
C ALA A 28 7.18 22.23 -10.47
N VAL A 29 7.30 22.56 -9.18
CA VAL A 29 8.63 23.02 -8.69
C VAL A 29 9.65 21.88 -8.79
N LEU A 30 9.25 20.63 -8.62
CA LEU A 30 10.26 19.55 -8.67
C LEU A 30 10.90 19.44 -10.05
N PRO A 31 10.16 19.34 -11.18
CA PRO A 31 10.82 19.31 -12.48
C PRO A 31 11.48 20.65 -12.85
N LEU A 32 10.92 21.77 -12.38
CA LEU A 32 11.58 23.08 -12.66
C LEU A 32 12.97 23.09 -11.99
N LEU A 33 13.08 22.57 -10.78
CA LEU A 33 14.39 22.51 -10.12
C LEU A 33 15.33 21.58 -10.93
N ALA A 34 14.82 20.45 -11.40
CA ALA A 34 15.67 19.55 -12.21
C ALA A 34 16.19 20.30 -13.45
N ALA A 35 15.34 21.12 -14.09
CA ALA A 35 15.70 21.86 -15.31
C ALA A 35 16.88 22.81 -15.07
N THR A 36 17.08 23.29 -13.84
CA THR A 36 18.19 24.25 -13.57
C THR A 36 19.55 23.64 -13.95
N ILE A 37 19.67 22.32 -13.95
N ILE A 37 19.64 22.31 -13.96
CA ILE A 37 20.96 21.66 -14.31
CA ILE A 37 20.85 21.52 -14.34
C ILE A 37 21.31 21.97 -15.78
C ILE A 37 21.26 21.87 -15.78
N LEU A 38 20.32 22.27 -16.62
CA LEU A 38 20.58 22.52 -18.05
C LEU A 38 21.33 23.83 -18.30
N ALA A 39 21.28 24.79 -17.37
CA ALA A 39 21.82 26.15 -17.64
C ALA A 39 23.30 26.25 -17.34
N SER A 40 24.13 26.33 -18.38
CA SER A 40 25.60 26.41 -18.21
C SER A 40 26.09 27.86 -18.07
N GLU A 41 25.23 28.83 -18.35
N GLU A 41 25.23 28.84 -18.35
CA GLU A 41 25.57 30.26 -18.21
CA GLU A 41 25.56 30.29 -18.28
C GLU A 41 24.43 30.90 -17.44
C GLU A 41 24.42 31.03 -17.55
N GLY A 42 24.76 31.80 -16.52
CA GLY A 42 23.75 32.49 -15.71
C GLY A 42 23.18 31.57 -14.65
N LYS A 43 22.58 32.16 -13.63
CA LYS A 43 21.93 31.41 -12.53
C LYS A 43 20.41 31.38 -12.79
N THR A 44 19.76 30.36 -12.25
CA THR A 44 18.29 30.27 -12.35
C THR A 44 17.68 30.63 -11.00
N VAL A 45 16.64 31.46 -11.02
CA VAL A 45 15.90 31.80 -9.77
C VAL A 45 14.45 31.39 -9.97
N LEU A 46 13.96 30.55 -9.07
CA LEU A 46 12.53 30.16 -9.05
C LEU A 46 11.86 30.90 -7.89
N GLN A 47 10.74 31.54 -8.18
CA GLN A 47 9.96 32.27 -7.15
C GLN A 47 8.63 31.55 -6.94
N ASN A 48 7.95 31.88 -5.86
CA ASN A 48 6.69 31.19 -5.47
C ASN A 48 6.98 29.70 -5.18
N VAL A 49 8.14 29.41 -4.59
CA VAL A 49 8.51 28.03 -4.22
C VAL A 49 7.84 27.66 -2.90
N PRO A 50 7.10 26.52 -2.83
CA PRO A 50 6.45 26.10 -1.59
C PRO A 50 7.45 25.46 -0.61
N ILE A 51 7.21 25.65 0.69
N ILE A 51 7.25 25.71 0.69
CA ILE A 51 8.11 25.10 1.75
CA ILE A 51 8.11 25.11 1.73
C ILE A 51 7.59 23.70 2.09
C ILE A 51 7.52 23.72 2.01
N LEU A 52 8.04 22.71 1.33
CA LEU A 52 7.56 21.32 1.43
C LEU A 52 8.73 20.37 1.57
N SER A 53 8.50 19.22 2.20
CA SER A 53 9.62 18.27 2.40
C SER A 53 10.19 17.81 1.05
N ASP A 54 9.34 17.66 0.01
CA ASP A 54 9.85 17.19 -1.31
C ASP A 54 10.80 18.24 -1.93
N VAL A 55 10.55 19.52 -1.68
CA VAL A 55 11.45 20.58 -2.24
C VAL A 55 12.81 20.49 -1.56
N PHE A 56 12.85 20.27 -0.25
CA PHE A 56 14.18 20.15 0.42
C PHE A 56 14.94 18.96 -0.15
N ILE A 57 14.24 17.87 -0.46
CA ILE A 57 14.95 16.68 -1.00
C ILE A 57 15.46 17.00 -2.42
N MET A 58 14.63 17.59 -3.27
N MET A 58 14.62 17.63 -3.24
CA MET A 58 15.12 17.88 -4.65
CA MET A 58 15.04 17.95 -4.62
C MET A 58 16.29 18.88 -4.57
C MET A 58 16.26 18.89 -4.57
N ASN A 59 16.27 19.82 -3.62
CA ASN A 59 17.41 20.76 -3.49
C ASN A 59 18.68 19.96 -3.12
N GLN A 60 18.54 18.89 -2.33
CA GLN A 60 19.71 18.02 -1.99
C GLN A 60 20.15 17.27 -3.25
N VAL A 61 19.21 16.74 -4.02
CA VAL A 61 19.58 16.03 -5.28
C VAL A 61 20.37 16.98 -6.21
N VAL A 62 19.82 18.15 -6.48
CA VAL A 62 20.48 19.10 -7.42
C VAL A 62 21.81 19.58 -6.82
N GLY A 63 21.85 19.85 -5.52
CA GLY A 63 23.13 20.26 -4.90
C GLY A 63 24.18 19.15 -5.02
N GLY A 64 23.74 17.89 -4.98
CA GLY A 64 24.65 16.73 -5.08
C GLY A 64 25.23 16.58 -6.47
N LEU A 65 24.73 17.35 -7.44
CA LEU A 65 25.25 17.33 -8.84
C LEU A 65 26.28 18.46 -9.03
N ASN A 66 26.70 19.07 -7.93
CA ASN A 66 27.69 20.16 -7.93
C ASN A 66 27.09 21.48 -8.45
N ALA A 67 25.77 21.63 -8.33
CA ALA A 67 25.12 22.94 -8.54
C ALA A 67 24.98 23.57 -7.16
N LYS A 68 25.11 24.90 -7.06
N LYS A 68 25.16 24.89 -7.05
CA LYS A 68 24.95 25.60 -5.76
CA LYS A 68 24.95 25.54 -5.73
C LYS A 68 23.48 26.00 -5.61
C LYS A 68 23.48 25.92 -5.65
N VAL A 69 22.79 25.44 -4.61
CA VAL A 69 21.33 25.69 -4.42
C VAL A 69 21.11 26.43 -3.10
N ASP A 70 20.50 27.61 -3.18
CA ASP A 70 20.20 28.43 -1.98
C ASP A 70 18.68 28.65 -1.90
N PHE A 71 18.08 28.22 -0.80
CA PHE A 71 16.61 28.31 -0.59
C PHE A 71 16.33 29.37 0.47
N ASP A 72 15.83 30.52 0.02
CA ASP A 72 15.39 31.62 0.91
C ASP A 72 13.91 31.35 1.21
N GLU A 73 13.64 30.66 2.32
CA GLU A 73 12.26 30.22 2.63
C GLU A 73 11.32 31.41 2.85
N GLU A 74 11.78 32.47 3.51
CA GLU A 74 10.93 33.67 3.78
C GLU A 74 10.48 34.28 2.46
N ALA A 75 11.37 34.28 1.47
CA ALA A 75 11.09 34.89 0.14
C ALA A 75 10.51 33.86 -0.84
N HIS A 76 10.33 32.61 -0.41
CA HIS A 76 9.84 31.52 -1.31
C HIS A 76 10.65 31.52 -2.60
N LEU A 77 11.97 31.52 -2.46
CA LEU A 77 12.88 31.69 -3.62
C LEU A 77 13.99 30.65 -3.57
N VAL A 78 14.26 30.01 -4.70
CA VAL A 78 15.43 29.10 -4.80
C VAL A 78 16.33 29.65 -5.92
N LYS A 79 17.60 29.85 -5.60
CA LYS A 79 18.62 30.27 -6.59
C LYS A 79 19.54 29.09 -6.86
N VAL A 80 19.76 28.80 -8.13
CA VAL A 80 20.68 27.70 -8.53
C VAL A 80 21.79 28.23 -9.44
N ASP A 81 23.02 27.92 -9.07
CA ASP A 81 24.19 28.19 -9.93
C ASP A 81 24.70 26.85 -10.44
N ALA A 82 24.34 26.50 -11.68
CA ALA A 82 24.77 25.23 -12.31
C ALA A 82 25.87 25.51 -13.35
N THR A 83 26.61 26.61 -13.21
CA THR A 83 27.64 26.97 -14.22
C THR A 83 28.93 26.16 -14.03
N GLY A 84 29.09 25.47 -12.90
CA GLY A 84 30.32 24.68 -12.73
C GLY A 84 30.28 23.36 -13.49
N ASP A 85 31.22 22.47 -13.16
CA ASP A 85 31.27 21.12 -13.76
C ASP A 85 30.23 20.27 -13.00
N ILE A 86 29.18 19.89 -13.70
CA ILE A 86 28.06 19.12 -13.11
C ILE A 86 28.44 17.64 -13.06
N THR A 87 28.12 16.99 -11.94
CA THR A 87 28.38 15.56 -11.72
C THR A 87 27.11 14.74 -12.05
N GLU A 88 27.23 13.42 -11.93
CA GLU A 88 26.25 12.52 -12.60
C GLU A 88 25.34 11.72 -11.69
N GLU A 89 25.50 11.75 -10.36
CA GLU A 89 24.79 10.77 -9.52
C GLU A 89 23.63 11.34 -8.68
N ALA A 90 22.50 10.65 -8.73
CA ALA A 90 21.33 10.86 -7.84
C ALA A 90 21.25 9.60 -6.98
N PRO A 91 21.72 9.66 -5.72
CA PRO A 91 21.84 8.47 -4.89
C PRO A 91 20.54 7.93 -4.30
N TYR A 92 20.63 6.65 -3.92
CA TYR A 92 19.51 5.91 -3.28
C TYR A 92 18.95 6.67 -2.08
N LYS A 93 19.81 7.32 -1.30
CA LYS A 93 19.33 7.99 -0.05
C LYS A 93 18.30 9.06 -0.38
N TYR A 94 18.28 9.59 -1.62
CA TYR A 94 17.26 10.59 -1.99
C TYR A 94 16.14 9.93 -2.80
N VAL A 95 16.48 9.14 -3.82
CA VAL A 95 15.43 8.54 -4.69
C VAL A 95 14.49 7.66 -3.85
N SER A 96 15.04 6.92 -2.87
CA SER A 96 14.21 6.00 -2.05
C SER A 96 13.18 6.80 -1.24
N LYS A 97 13.46 8.07 -0.98
CA LYS A 97 12.53 8.92 -0.18
C LYS A 97 11.59 9.72 -1.07
N MET A 98 11.90 9.81 -2.37
N MET A 98 11.97 9.93 -2.32
CA MET A 98 11.07 10.62 -3.30
CA MET A 98 11.16 10.81 -3.20
C MET A 98 11.30 10.15 -4.74
C MET A 98 11.45 10.42 -4.64
N ARG A 99 10.35 9.38 -5.25
N ARG A 99 10.62 9.50 -5.16
CA ARG A 99 10.36 8.83 -6.63
CA ARG A 99 10.75 8.91 -6.53
C ARG A 99 10.62 9.93 -7.66
C ARG A 99 10.80 10.01 -7.60
N ALA A 100 10.08 11.13 -7.42
CA ALA A 100 10.13 12.22 -8.43
C ALA A 100 11.57 12.68 -8.66
N SER A 101 12.50 12.28 -7.80
CA SER A 101 13.93 12.56 -7.99
C SER A 101 14.39 12.11 -9.40
N ILE A 102 13.69 11.12 -9.96
N ILE A 102 13.76 11.10 -9.98
CA ILE A 102 13.99 10.48 -11.29
CA ILE A 102 14.30 10.59 -11.26
C ILE A 102 14.03 11.53 -12.41
C ILE A 102 14.14 11.60 -12.40
N VAL A 103 13.41 12.70 -12.22
CA VAL A 103 13.32 13.68 -13.34
C VAL A 103 14.62 14.46 -13.49
N VAL A 104 15.66 14.17 -12.69
CA VAL A 104 16.99 14.76 -13.01
C VAL A 104 17.70 13.89 -14.08
N LEU A 105 17.19 12.70 -14.40
CA LEU A 105 17.90 11.80 -15.36
C LEU A 105 18.06 12.48 -16.72
N GLY A 106 16.96 13.01 -17.28
CA GLY A 106 17.00 13.69 -18.58
C GLY A 106 17.96 14.87 -18.59
N PRO A 107 17.84 15.84 -17.65
CA PRO A 107 18.74 16.99 -17.67
C PRO A 107 20.21 16.62 -17.43
N ILE A 108 20.47 15.62 -16.59
CA ILE A 108 21.89 15.20 -16.42
C ILE A 108 22.41 14.67 -17.76
N LEU A 109 21.64 13.83 -18.44
CA LEU A 109 22.11 13.30 -19.76
C LEU A 109 22.32 14.44 -20.75
N ALA A 110 21.42 15.42 -20.80
CA ALA A 110 21.56 16.57 -21.73
C ALA A 110 22.81 17.38 -21.40
N ARG A 111 23.06 17.64 -20.14
CA ARG A 111 24.18 18.54 -19.72
C ARG A 111 25.52 17.83 -19.64
N VAL A 112 25.54 16.59 -19.11
CA VAL A 112 26.78 15.82 -18.76
C VAL A 112 27.07 14.72 -19.79
N GLY A 113 26.02 14.08 -20.34
CA GLY A 113 26.20 12.97 -21.29
C GLY A 113 26.21 11.59 -20.63
N HIS A 114 26.15 11.54 -19.29
CA HIS A 114 26.13 10.25 -18.56
C HIS A 114 25.49 10.49 -17.20
N ALA A 115 24.81 9.48 -16.67
CA ALA A 115 24.08 9.65 -15.40
C ALA A 115 24.10 8.34 -14.61
N LYS A 116 23.96 8.47 -13.30
CA LYS A 116 23.85 7.30 -12.40
C LYS A 116 22.70 7.63 -11.46
N VAL A 117 21.55 7.02 -11.65
CA VAL A 117 20.33 7.42 -10.88
C VAL A 117 19.75 6.17 -10.24
N SER A 118 19.51 6.22 -8.93
CA SER A 118 18.97 5.03 -8.25
C SER A 118 17.63 4.63 -8.89
N MET A 119 17.44 3.35 -9.17
CA MET A 119 16.16 2.85 -9.73
C MET A 119 15.07 2.96 -8.67
N PRO A 120 13.93 3.65 -8.90
CA PRO A 120 12.87 3.65 -7.91
C PRO A 120 12.28 2.25 -7.67
N GLY A 121 11.83 1.98 -6.44
CA GLY A 121 11.22 0.70 -6.08
C GLY A 121 9.71 0.82 -5.99
N GLY A 122 9.11 0.13 -5.04
CA GLY A 122 7.64 0.14 -4.90
C GLY A 122 7.07 1.45 -4.37
N CYS A 123 5.82 1.76 -4.75
CA CYS A 123 5.06 2.92 -4.23
C CYS A 123 3.71 2.39 -3.73
N THR A 124 3.22 2.93 -2.63
CA THR A 124 1.97 2.38 -2.03
C THR A 124 0.74 2.65 -2.91
N ILE A 125 0.69 3.75 -3.66
CA ILE A 125 -0.59 4.03 -4.41
C ILE A 125 -0.62 3.30 -5.75
N GLY A 126 0.45 2.63 -6.15
CA GLY A 126 0.34 1.88 -7.41
C GLY A 126 1.66 1.51 -8.02
N SER A 127 1.65 0.57 -8.95
CA SER A 127 2.87 0.19 -9.71
C SER A 127 3.24 1.41 -10.58
N ARG A 128 4.47 1.88 -10.45
CA ARG A 128 4.93 3.08 -11.22
C ARG A 128 6.25 2.75 -11.90
N PRO A 129 6.24 1.86 -12.92
CA PRO A 129 7.46 1.49 -13.64
C PRO A 129 7.92 2.69 -14.48
N ILE A 130 9.21 2.73 -14.76
CA ILE A 130 9.79 3.89 -15.49
C ILE A 130 10.19 3.49 -16.91
N ASP A 131 9.67 2.38 -17.44
N ASP A 131 9.56 2.41 -17.41
CA ASP A 131 10.04 1.98 -18.83
CA ASP A 131 9.78 1.88 -18.78
C ASP A 131 9.75 3.10 -19.84
C ASP A 131 9.68 3.01 -19.82
N LEU A 132 8.67 3.87 -19.69
CA LEU A 132 8.45 4.96 -20.69
C LEU A 132 9.63 5.95 -20.67
N HIS A 133 10.21 6.21 -19.49
CA HIS A 133 11.39 7.11 -19.44
C HIS A 133 12.56 6.45 -20.17
N LEU A 134 12.85 5.20 -19.83
CA LEU A 134 14.08 4.55 -20.35
C LEU A 134 13.96 4.23 -21.85
N LYS A 135 12.78 3.76 -22.29
N LYS A 135 12.80 3.77 -22.32
CA LYS A 135 12.57 3.46 -23.74
CA LYS A 135 12.67 3.45 -23.78
C LYS A 135 12.80 4.73 -24.55
C LYS A 135 12.76 4.74 -24.61
N GLY A 136 12.22 5.86 -24.12
CA GLY A 136 12.36 7.11 -24.87
C GLY A 136 13.82 7.56 -24.90
N LEU A 137 14.54 7.41 -23.80
CA LEU A 137 15.97 7.83 -23.75
C LEU A 137 16.79 6.90 -24.66
N GLU A 138 16.47 5.61 -24.68
CA GLU A 138 17.20 4.70 -25.61
C GLU A 138 17.01 5.18 -27.07
N ALA A 139 15.82 5.66 -27.42
CA ALA A 139 15.54 6.14 -28.80
C ALA A 139 16.40 7.37 -29.11
N MET A 140 16.86 8.07 -28.07
CA MET A 140 17.69 9.29 -28.19
C MET A 140 19.19 8.96 -28.15
N GLY A 141 19.55 7.67 -28.24
CA GLY A 141 20.97 7.30 -28.25
C GLY A 141 21.54 7.03 -26.88
N VAL A 142 20.69 6.87 -25.87
CA VAL A 142 21.23 6.59 -24.51
C VAL A 142 21.33 5.09 -24.32
N LYS A 143 22.51 4.61 -23.90
N LYS A 143 22.52 4.61 -23.94
CA LYS A 143 22.70 3.18 -23.58
CA LYS A 143 22.69 3.17 -23.60
C LYS A 143 22.47 3.02 -22.07
C LYS A 143 22.37 3.04 -22.11
N ILE A 144 21.48 2.19 -21.74
N ILE A 144 21.50 2.10 -21.76
CA ILE A 144 21.04 1.94 -20.34
CA ILE A 144 21.09 1.99 -20.34
C ILE A 144 21.64 0.63 -19.83
C ILE A 144 21.29 0.58 -19.81
N SER A 145 22.25 0.70 -18.64
N SER A 145 21.95 0.51 -18.65
CA SER A 145 22.64 -0.52 -17.91
CA SER A 145 22.22 -0.75 -17.90
C SER A 145 21.99 -0.40 -16.54
C SER A 145 21.84 -0.53 -16.44
N GLN A 146 22.00 -1.50 -15.82
N GLN A 146 21.56 -1.60 -15.71
CA GLN A 146 21.52 -1.41 -14.44
CA GLN A 146 21.14 -1.55 -14.28
C GLN A 146 22.51 -2.21 -13.62
C GLN A 146 22.25 -2.26 -13.47
N THR A 147 22.99 -1.55 -12.60
CA THR A 147 24.07 -2.14 -11.79
C THR A 147 23.85 -1.87 -10.31
N ALA A 148 23.68 -2.94 -9.55
CA ALA A 148 23.54 -2.86 -8.09
C ALA A 148 22.53 -1.79 -7.65
N GLY A 149 21.39 -1.73 -8.32
CA GLY A 149 20.30 -0.81 -7.92
C GLY A 149 20.31 0.52 -8.65
N TYR A 150 21.31 0.77 -9.48
CA TYR A 150 21.41 2.07 -10.19
C TYR A 150 21.22 1.96 -11.69
N ILE A 151 20.43 2.90 -12.22
CA ILE A 151 20.34 3.11 -13.67
C ILE A 151 21.67 3.77 -14.08
N GLU A 152 22.45 3.12 -14.95
N GLU A 152 22.42 3.09 -14.94
CA GLU A 152 23.72 3.70 -15.45
CA GLU A 152 23.67 3.62 -15.51
C GLU A 152 23.50 4.01 -16.94
C GLU A 152 23.30 4.02 -16.94
N ALA A 153 23.39 5.30 -17.26
CA ALA A 153 23.03 5.79 -18.61
C ALA A 153 24.18 6.55 -19.25
N LYS A 154 24.45 6.24 -20.52
N LYS A 154 24.47 6.26 -20.52
CA LYS A 154 25.56 6.89 -21.26
CA LYS A 154 25.55 7.01 -21.20
C LYS A 154 25.06 7.30 -22.66
C LYS A 154 25.11 7.30 -22.63
N ALA A 155 25.26 8.56 -23.03
CA ALA A 155 24.90 9.02 -24.39
C ALA A 155 26.19 9.53 -25.05
N GLU A 156 26.74 8.75 -25.97
CA GLU A 156 27.95 9.21 -26.69
C GLU A 156 27.61 10.49 -27.46
N ARG A 157 26.42 10.50 -28.09
CA ARG A 157 25.97 11.71 -28.82
C ARG A 157 24.45 11.74 -28.78
N LEU A 158 23.95 12.30 -27.70
CA LEU A 158 22.49 12.41 -27.48
C LEU A 158 21.83 13.08 -28.69
N HIS A 159 20.74 12.49 -29.16
CA HIS A 159 20.09 12.99 -30.40
C HIS A 159 18.58 12.90 -30.29
N GLY A 160 17.91 13.62 -31.17
CA GLY A 160 16.45 13.60 -31.16
C GLY A 160 15.86 12.27 -31.58
N ALA A 161 14.58 12.10 -31.29
CA ALA A 161 13.84 10.89 -31.66
C ALA A 161 12.36 11.25 -31.84
N HIS A 162 11.66 10.43 -32.59
N HIS A 162 11.66 10.43 -32.62
CA HIS A 162 10.19 10.55 -32.79
CA HIS A 162 10.19 10.55 -32.82
C HIS A 162 9.60 9.47 -31.91
C HIS A 162 9.60 9.47 -31.91
N ILE A 163 9.14 9.88 -30.73
CA ILE A 163 8.65 8.96 -29.67
C ILE A 163 7.13 8.94 -29.60
N TYR A 164 6.52 7.76 -29.65
N TYR A 164 6.58 7.74 -29.75
CA TYR A 164 5.06 7.70 -29.39
CA TYR A 164 5.14 7.42 -29.69
C TYR A 164 4.93 7.12 -27.98
C TYR A 164 4.89 6.80 -28.31
N MET A 165 4.38 7.90 -27.07
N MET A 165 4.76 7.65 -27.29
CA MET A 165 4.24 7.46 -25.66
CA MET A 165 4.55 7.19 -25.89
C MET A 165 3.11 6.43 -25.56
C MET A 165 3.31 6.29 -25.84
N ASP A 166 3.38 5.23 -25.02
CA ASP A 166 2.27 4.25 -24.84
C ASP A 166 1.20 4.84 -23.91
N PHE A 167 1.60 5.70 -22.98
CA PHE A 167 0.71 6.36 -22.00
C PHE A 167 1.31 7.74 -21.80
N PRO A 168 0.48 8.78 -21.60
CA PRO A 168 0.97 10.17 -21.45
C PRO A 168 1.54 10.41 -20.03
N SER A 169 2.60 9.67 -19.73
CA SER A 169 3.27 9.79 -18.41
C SER A 169 3.77 11.21 -18.15
N VAL A 170 3.38 11.81 -17.03
CA VAL A 170 3.85 13.17 -16.67
C VAL A 170 5.38 13.17 -16.49
N GLY A 171 5.90 12.24 -15.68
CA GLY A 171 7.35 12.23 -15.41
C GLY A 171 8.16 11.91 -16.64
N ALA A 172 7.70 10.92 -17.43
CA ALA A 172 8.47 10.57 -18.64
C ALA A 172 8.46 11.74 -19.63
N THR A 173 7.31 12.40 -19.81
CA THR A 173 7.24 13.57 -20.71
C THR A 173 8.25 14.63 -20.24
N GLN A 174 8.30 14.90 -18.94
CA GLN A 174 9.26 15.90 -18.40
C GLN A 174 10.70 15.47 -18.65
N ASN A 175 11.03 14.22 -18.38
CA ASN A 175 12.42 13.74 -18.57
C ASN A 175 12.84 13.89 -20.04
N LEU A 176 11.96 13.46 -20.94
CA LEU A 176 12.29 13.45 -22.39
C LEU A 176 12.35 14.88 -22.95
N MET A 177 11.42 15.74 -22.54
N MET A 177 11.42 15.76 -22.54
CA MET A 177 11.43 17.16 -22.98
CA MET A 177 11.48 17.13 -23.11
C MET A 177 12.76 17.82 -22.57
C MET A 177 12.72 17.87 -22.57
N MET A 178 13.17 17.60 -21.33
CA MET A 178 14.41 18.21 -20.83
C MET A 178 15.63 17.61 -21.53
N ALA A 179 15.68 16.30 -21.69
CA ALA A 179 16.83 15.69 -22.42
C ALA A 179 16.93 16.28 -23.84
N ALA A 180 15.78 16.49 -24.48
CA ALA A 180 15.73 16.92 -25.89
C ALA A 180 16.29 18.32 -26.08
N THR A 181 16.25 19.18 -25.06
CA THR A 181 16.63 20.59 -25.24
C THR A 181 18.08 20.75 -25.73
N LEU A 182 18.98 19.85 -25.37
CA LEU A 182 20.42 19.96 -25.74
C LEU A 182 20.83 18.77 -26.62
N ALA A 183 19.88 18.01 -27.15
CA ALA A 183 20.19 16.87 -28.03
C ALA A 183 20.41 17.38 -29.47
N ASP A 184 21.06 16.55 -30.29
CA ASP A 184 21.20 16.90 -31.72
C ASP A 184 19.87 16.74 -32.43
N GLY A 185 19.39 17.82 -33.06
CA GLY A 185 18.21 17.68 -33.90
C GLY A 185 16.88 17.79 -33.17
N VAL A 186 15.86 17.30 -33.87
CA VAL A 186 14.46 17.47 -33.41
C VAL A 186 13.94 16.23 -32.72
N THR A 187 13.26 16.44 -31.60
CA THR A 187 12.53 15.39 -30.86
C THR A 187 11.04 15.68 -30.97
N VAL A 188 10.26 14.66 -31.27
CA VAL A 188 8.77 14.82 -31.26
C VAL A 188 8.22 13.81 -30.26
N ILE A 189 7.50 14.30 -29.27
CA ILE A 189 6.85 13.40 -28.26
C ILE A 189 5.37 13.37 -28.59
N GLU A 190 4.92 12.22 -29.11
CA GLU A 190 3.49 12.01 -29.43
C GLU A 190 2.81 11.35 -28.23
N ASN A 191 1.54 11.70 -28.02
CA ASN A 191 0.76 11.25 -26.84
C ASN A 191 1.46 11.76 -25.58
N ALA A 192 1.93 12.99 -25.61
CA ALA A 192 2.60 13.65 -24.47
C ALA A 192 1.59 13.95 -23.35
N ALA A 193 2.10 13.99 -22.12
CA ALA A 193 1.30 14.52 -21.00
C ALA A 193 0.94 15.99 -21.29
N ARG A 194 -0.30 16.39 -20.99
CA ARG A 194 -0.80 17.76 -21.27
C ARG A 194 -0.98 18.59 -20.00
N GLU A 195 -0.60 18.03 -18.84
CA GLU A 195 -0.84 18.72 -17.55
C GLU A 195 -0.28 20.13 -17.50
N PRO A 196 -0.90 21.03 -16.71
CA PRO A 196 -0.39 22.40 -16.53
C PRO A 196 1.08 22.44 -16.10
N GLU A 197 1.56 21.43 -15.38
CA GLU A 197 2.96 21.40 -14.93
C GLU A 197 3.89 21.19 -16.13
N ILE A 198 3.46 20.43 -17.13
CA ILE A 198 4.23 20.30 -18.40
C ILE A 198 4.32 21.67 -19.07
N VAL A 199 3.21 22.38 -19.16
CA VAL A 199 3.21 23.73 -19.76
C VAL A 199 4.17 24.65 -18.99
N ASP A 200 4.14 24.63 -17.67
CA ASP A 200 5.02 25.56 -16.91
C ASP A 200 6.50 25.18 -17.14
N LEU A 201 6.79 23.89 -17.21
CA LEU A 201 8.19 23.48 -17.48
C LEU A 201 8.61 23.98 -18.87
N ALA A 202 7.75 23.83 -19.87
CA ALA A 202 8.10 24.31 -21.23
C ALA A 202 8.32 25.83 -21.22
N ILE A 203 7.52 26.57 -20.47
CA ILE A 203 7.72 28.05 -20.36
C ILE A 203 9.12 28.30 -19.81
N LEU A 204 9.50 27.63 -18.73
CA LEU A 204 10.85 27.83 -18.17
C LEU A 204 11.91 27.51 -19.23
N LEU A 205 11.79 26.35 -19.88
CA LEU A 205 12.83 25.96 -20.87
C LEU A 205 12.93 27.02 -21.98
N ASN A 206 11.80 27.52 -22.49
CA ASN A 206 11.85 28.57 -23.53
C ASN A 206 12.48 29.86 -22.96
N GLU A 207 12.20 30.19 -21.70
CA GLU A 207 12.83 31.36 -21.06
C GLU A 207 14.35 31.16 -20.92
N MET A 208 14.80 29.91 -20.92
CA MET A 208 16.25 29.57 -20.81
C MET A 208 16.90 29.47 -22.19
N GLY A 209 16.16 29.74 -23.26
CA GLY A 209 16.75 29.72 -24.60
C GLY A 209 16.53 28.41 -25.35
N ALA A 210 15.65 27.53 -24.88
CA ALA A 210 15.31 26.28 -25.59
C ALA A 210 14.30 26.54 -26.70
N LYS A 211 13.93 25.49 -27.42
CA LYS A 211 12.96 25.61 -28.53
C LYS A 211 11.91 24.52 -28.34
N VAL A 212 10.95 24.75 -27.46
CA VAL A 212 9.91 23.76 -27.11
C VAL A 212 8.56 24.27 -27.59
N LYS A 213 7.85 23.48 -28.39
CA LYS A 213 6.52 23.90 -28.87
C LYS A 213 5.49 22.81 -28.61
N GLY A 214 4.25 23.22 -28.37
CA GLY A 214 3.14 22.25 -28.28
C GLY A 214 2.81 21.81 -26.87
N ALA A 215 3.47 22.32 -25.85
CA ALA A 215 3.13 21.85 -24.49
C ALA A 215 1.67 22.20 -24.18
N GLY A 216 0.95 21.23 -23.64
CA GLY A 216 -0.50 21.38 -23.41
C GLY A 216 -1.30 20.58 -24.44
N THR A 217 -0.68 20.24 -25.56
CA THR A 217 -1.32 19.43 -26.65
C THR A 217 -0.76 18.01 -26.59
N GLU A 218 -1.32 17.11 -27.41
N GLU A 218 -1.32 17.08 -27.38
CA GLU A 218 -0.84 15.71 -27.42
CA GLU A 218 -0.77 15.69 -27.35
C GLU A 218 0.53 15.60 -28.10
C GLU A 218 0.58 15.60 -28.05
N THR A 219 1.07 16.68 -28.69
CA THR A 219 2.37 16.58 -29.40
C THR A 219 3.32 17.70 -29.01
N ILE A 220 4.47 17.35 -28.43
CA ILE A 220 5.52 18.33 -28.06
C ILE A 220 6.69 18.17 -29.03
N THR A 221 7.12 19.28 -29.62
CA THR A 221 8.26 19.26 -30.54
C THR A 221 9.40 20.06 -29.90
N ILE A 222 10.59 19.47 -29.79
CA ILE A 222 11.76 20.16 -29.23
C ILE A 222 12.86 20.22 -30.30
N THR A 223 13.40 21.40 -30.55
CA THR A 223 14.52 21.54 -31.52
C THR A 223 15.75 21.77 -30.66
N GLY A 224 16.69 20.83 -30.67
CA GLY A 224 17.85 20.98 -29.79
C GLY A 224 18.69 22.21 -30.09
N VAL A 225 19.30 22.74 -29.04
CA VAL A 225 20.28 23.88 -29.11
C VAL A 225 21.56 23.44 -28.41
N GLU A 226 22.61 24.25 -28.55
CA GLU A 226 23.93 23.94 -27.95
C GLU A 226 23.95 24.14 -26.43
N LYS A 227 23.31 25.22 -25.94
N LYS A 227 23.35 25.22 -25.94
CA LYS A 227 23.38 25.52 -24.49
CA LYS A 227 23.40 25.54 -24.49
C LYS A 227 22.18 26.35 -24.05
C LYS A 227 22.12 26.27 -24.06
N LEU A 228 21.82 26.21 -22.77
CA LEU A 228 20.71 26.98 -22.17
C LEU A 228 21.32 27.98 -21.18
N HIS A 229 20.55 29.02 -20.88
CA HIS A 229 20.96 30.12 -19.98
C HIS A 229 20.00 30.17 -18.79
N GLY A 230 20.49 30.56 -17.62
CA GLY A 230 19.61 30.71 -16.45
C GLY A 230 18.57 31.79 -16.68
N THR A 231 17.49 31.73 -15.94
CA THR A 231 16.43 32.77 -16.05
C THR A 231 15.74 32.87 -14.68
N THR A 232 14.77 33.75 -14.57
CA THR A 232 13.94 33.91 -13.35
C THR A 232 12.52 33.52 -13.73
N HIS A 233 11.85 32.78 -12.87
CA HIS A 233 10.53 32.20 -13.24
C HIS A 233 9.66 32.00 -11.99
N ASN A 234 8.41 32.41 -12.08
CA ASN A 234 7.43 32.15 -10.99
C ASN A 234 6.84 30.77 -11.18
N VAL A 235 6.92 29.93 -10.14
CA VAL A 235 6.22 28.62 -10.19
C VAL A 235 4.71 28.85 -10.28
N VAL A 236 4.05 28.11 -11.18
CA VAL A 236 2.57 28.15 -11.32
C VAL A 236 1.93 27.79 -9.98
N GLN A 237 0.76 28.37 -9.69
CA GLN A 237 0.00 28.03 -8.49
C GLN A 237 -0.31 26.52 -8.44
N ASP A 238 -0.31 25.97 -7.23
CA ASP A 238 -0.69 24.57 -6.98
C ASP A 238 -2.20 24.37 -7.23
N ARG A 239 -2.56 23.80 -8.36
CA ARG A 239 -3.99 23.59 -8.69
C ARG A 239 -4.60 22.51 -7.80
N ILE A 240 -3.77 21.62 -7.23
CA ILE A 240 -4.33 20.55 -6.35
C ILE A 240 -4.60 21.15 -4.97
N GLU A 241 -3.72 22.00 -4.46
CA GLU A 241 -4.05 22.67 -3.17
C GLU A 241 -5.28 23.56 -3.42
N ALA A 242 -5.33 24.30 -4.53
CA ALA A 242 -6.50 25.15 -4.82
C ALA A 242 -7.76 24.29 -4.85
N GLY A 243 -7.73 23.17 -5.58
CA GLY A 243 -8.91 22.30 -5.72
C GLY A 243 -9.30 21.70 -4.38
N THR A 244 -8.33 21.43 -3.52
CA THR A 244 -8.61 20.86 -2.18
C THR A 244 -9.44 21.86 -1.38
N PHE A 245 -9.10 23.14 -1.44
CA PHE A 245 -9.94 24.15 -0.73
C PHE A 245 -11.29 24.34 -1.43
N MET A 246 -11.37 24.21 -2.75
CA MET A 246 -12.69 24.25 -3.41
C MET A 246 -13.58 23.12 -2.87
N VAL A 247 -13.03 21.91 -2.75
CA VAL A 247 -13.80 20.75 -2.22
C VAL A 247 -14.16 21.00 -0.76
N ALA A 248 -13.24 21.55 0.04
CA ALA A 248 -13.53 21.83 1.47
C ALA A 248 -14.71 22.81 1.60
N ALA A 249 -14.72 23.86 0.77
CA ALA A 249 -15.82 24.83 0.79
C ALA A 249 -17.11 24.12 0.42
N ALA A 250 -17.08 23.32 -0.63
CA ALA A 250 -18.31 22.66 -1.09
C ALA A 250 -18.89 21.71 -0.04
N MET A 251 -18.05 20.95 0.65
N MET A 251 -18.02 20.95 0.63
CA MET A 251 -18.62 19.91 1.52
CA MET A 251 -18.38 19.91 1.64
C MET A 251 -19.02 20.48 2.89
C MET A 251 -19.05 20.51 2.85
N THR A 252 -18.66 21.74 3.20
CA THR A 252 -19.08 22.39 4.47
C THR A 252 -20.17 23.43 4.23
N GLY A 253 -20.69 23.56 3.00
CA GLY A 253 -21.71 24.59 2.72
C GLY A 253 -21.13 25.99 2.95
N GLY A 254 -19.87 26.15 2.59
CA GLY A 254 -19.13 27.38 2.85
C GLY A 254 -19.16 28.41 1.75
N ASP A 255 -18.27 29.39 1.88
CA ASP A 255 -18.16 30.54 0.96
C ASP A 255 -16.69 30.96 1.03
N VAL A 256 -15.89 30.42 0.14
CA VAL A 256 -14.43 30.60 0.21
C VAL A 256 -13.91 31.17 -1.11
N LEU A 257 -13.09 32.20 -1.01
CA LEU A 257 -12.38 32.76 -2.18
C LEU A 257 -11.00 32.12 -2.24
N ILE A 258 -10.76 31.33 -3.28
N ILE A 258 -10.75 31.37 -3.33
CA ILE A 258 -9.41 30.73 -3.47
CA ILE A 258 -9.43 30.73 -3.60
C ILE A 258 -8.62 31.75 -4.29
C ILE A 258 -8.61 31.78 -4.34
N ARG A 259 -7.73 32.48 -3.62
CA ARG A 259 -7.02 33.64 -4.23
C ARG A 259 -6.23 33.26 -5.48
N ASP A 260 -6.44 34.04 -6.54
CA ASP A 260 -5.66 33.94 -7.81
C ASP A 260 -5.71 32.54 -8.43
N ALA A 261 -6.75 31.77 -8.15
CA ALA A 261 -6.85 30.42 -8.76
C ALA A 261 -7.01 30.56 -10.27
N VAL A 262 -6.42 29.61 -10.99
CA VAL A 262 -6.45 29.62 -12.47
C VAL A 262 -7.59 28.73 -12.96
N TRP A 263 -8.61 29.35 -13.54
CA TRP A 263 -9.81 28.61 -13.99
C TRP A 263 -9.43 27.46 -14.95
N GLU A 264 -8.58 27.78 -15.90
CA GLU A 264 -8.22 26.83 -16.95
C GLU A 264 -7.48 25.61 -16.37
N HIS A 265 -6.85 25.72 -15.22
CA HIS A 265 -6.16 24.56 -14.64
C HIS A 265 -7.11 23.66 -13.84
N ASN A 266 -8.17 24.33 -13.36
N ASN A 266 -8.37 24.01 -13.63
CA ASN A 266 -9.21 23.78 -12.46
CA ASN A 266 -9.24 23.05 -12.89
C ASN A 266 -10.46 23.31 -13.24
C ASN A 266 -10.56 22.92 -13.63
N ARG A 267 -10.51 23.37 -14.59
N ARG A 267 -10.51 22.87 -14.95
CA ARG A 267 -11.68 23.00 -15.48
CA ARG A 267 -11.81 22.90 -15.64
C ARG A 267 -12.44 21.70 -15.12
C ARG A 267 -12.56 21.63 -15.34
N PRO A 268 -11.93 20.43 -15.25
CA PRO A 268 -12.74 19.25 -14.99
C PRO A 268 -13.25 19.15 -13.55
N LEU A 269 -12.47 19.72 -12.61
CA LEU A 269 -12.98 19.73 -11.19
C LEU A 269 -14.16 20.71 -11.12
N ILE A 270 -13.97 21.93 -11.63
CA ILE A 270 -15.04 22.96 -11.58
C ILE A 270 -16.29 22.46 -12.29
N ALA A 271 -16.13 21.84 -13.47
CA ALA A 271 -17.34 21.36 -14.19
C ALA A 271 -18.10 20.34 -13.33
N LYS A 272 -17.39 19.43 -12.65
N LYS A 272 -17.36 19.46 -12.66
CA LYS A 272 -18.06 18.40 -11.81
CA LYS A 272 -18.05 18.44 -11.83
C LYS A 272 -18.66 19.04 -10.55
C LYS A 272 -18.70 19.10 -10.62
N LEU A 273 -18.02 20.07 -9.99
CA LEU A 273 -18.64 20.79 -8.84
C LEU A 273 -19.94 21.47 -9.33
N LEU A 274 -19.92 22.14 -10.48
CA LEU A 274 -21.14 22.78 -11.02
C LEU A 274 -22.23 21.72 -11.26
N GLU A 275 -21.86 20.57 -11.80
CA GLU A 275 -22.85 19.50 -12.07
C GLU A 275 -23.47 19.04 -10.75
N MET A 276 -22.67 18.96 -9.70
CA MET A 276 -23.14 18.50 -8.36
C MET A 276 -24.10 19.53 -7.75
N GLY A 277 -24.03 20.80 -8.11
CA GLY A 277 -24.90 21.84 -7.56
C GLY A 277 -24.14 22.87 -6.76
N VAL A 278 -22.80 22.79 -6.75
CA VAL A 278 -21.93 23.79 -6.09
C VAL A 278 -21.92 25.06 -6.95
N GLU A 279 -21.84 26.23 -6.33
CA GLU A 279 -21.68 27.46 -7.13
C GLU A 279 -20.18 27.82 -7.21
N VAL A 280 -19.71 28.13 -8.40
CA VAL A 280 -18.27 28.44 -8.62
C VAL A 280 -18.24 29.70 -9.47
N ILE A 281 -17.70 30.78 -8.92
CA ILE A 281 -17.78 32.13 -9.52
C ILE A 281 -16.36 32.66 -9.76
N GLU A 282 -16.05 33.02 -10.99
CA GLU A 282 -14.77 33.67 -11.29
C GLU A 282 -14.87 35.15 -10.89
N GLU A 283 -14.01 35.61 -9.98
CA GLU A 283 -14.02 37.01 -9.51
C GLU A 283 -12.66 37.65 -9.76
N ASP A 284 -12.56 38.94 -9.53
CA ASP A 284 -11.26 39.61 -9.79
C ASP A 284 -10.14 39.07 -8.88
N GLU A 285 -10.43 38.67 -7.65
CA GLU A 285 -9.34 38.30 -6.71
C GLU A 285 -9.12 36.78 -6.69
N GLY A 286 -9.99 36.03 -7.35
CA GLY A 286 -9.84 34.56 -7.30
C GLY A 286 -11.13 33.86 -7.66
N ILE A 287 -11.17 32.56 -7.39
CA ILE A 287 -12.39 31.77 -7.70
C ILE A 287 -13.13 31.53 -6.40
N ARG A 288 -14.40 31.93 -6.38
CA ARG A 288 -15.24 31.73 -5.17
C ARG A 288 -16.03 30.44 -5.29
N VAL A 289 -16.02 29.65 -4.24
CA VAL A 289 -16.83 28.42 -4.17
C VAL A 289 -17.81 28.56 -3.01
N ARG A 290 -19.08 28.36 -3.32
N ARG A 290 -19.08 28.33 -3.29
CA ARG A 290 -20.18 28.43 -2.34
CA ARG A 290 -20.10 28.40 -2.21
C ARG A 290 -21.07 27.19 -2.51
C ARG A 290 -21.15 27.33 -2.47
N SER A 291 -21.65 26.72 -1.40
CA SER A 291 -22.65 25.66 -1.61
C SER A 291 -23.71 25.69 -0.52
N GLN A 292 -24.87 25.20 -0.92
N GLN A 292 -24.89 25.21 -0.88
CA GLN A 292 -26.02 24.89 -0.04
CA GLN A 292 -25.98 24.93 0.09
C GLN A 292 -25.97 23.37 0.10
C GLN A 292 -26.02 23.40 0.13
N LEU A 293 -25.76 22.84 1.30
CA LEU A 293 -25.61 21.38 1.44
C LEU A 293 -26.78 20.59 0.85
N GLU A 294 -28.01 21.11 0.96
N GLU A 294 -27.98 21.15 0.97
CA GLU A 294 -29.20 20.37 0.45
CA GLU A 294 -29.22 20.49 0.50
C GLU A 294 -29.21 20.30 -1.08
C GLU A 294 -29.28 20.41 -1.02
N ASN A 295 -28.42 21.14 -1.75
CA ASN A 295 -28.42 21.14 -3.23
C ASN A 295 -27.40 20.15 -3.81
N LEU A 296 -26.57 19.54 -2.97
CA LEU A 296 -25.50 18.67 -3.52
C LEU A 296 -26.06 17.33 -3.98
N LYS A 297 -25.80 16.97 -5.23
CA LYS A 297 -26.31 15.73 -5.86
C LYS A 297 -25.15 14.84 -6.26
N ALA A 298 -25.34 13.53 -6.10
CA ALA A 298 -24.32 12.53 -6.47
C ALA A 298 -23.92 12.71 -7.93
N VAL A 299 -22.67 12.36 -8.22
CA VAL A 299 -22.13 12.40 -9.60
C VAL A 299 -21.22 11.20 -9.84
N HIS A 300 -20.88 11.02 -11.10
N HIS A 300 -20.86 11.00 -11.10
CA HIS A 300 -19.88 10.02 -11.56
CA HIS A 300 -19.89 9.97 -11.57
C HIS A 300 -18.62 10.81 -11.91
C HIS A 300 -18.63 10.68 -12.04
N VAL A 301 -17.47 10.30 -11.50
CA VAL A 301 -16.17 10.88 -11.88
C VAL A 301 -15.27 9.76 -12.37
N LYS A 302 -14.49 10.05 -13.41
CA LYS A 302 -13.45 9.11 -13.88
C LYS A 302 -12.14 9.89 -13.96
N THR A 303 -11.13 9.48 -13.19
CA THR A 303 -9.82 10.12 -13.33
C THR A 303 -9.22 9.75 -14.69
N LEU A 304 -8.59 10.73 -15.31
CA LEU A 304 -7.95 10.54 -16.63
C LEU A 304 -6.77 11.49 -16.73
N PRO A 305 -5.84 11.22 -17.66
CA PRO A 305 -4.78 12.18 -17.95
C PRO A 305 -5.39 13.56 -18.29
N HIS A 306 -4.72 14.64 -17.91
CA HIS A 306 -5.23 15.99 -18.24
C HIS A 306 -5.53 16.03 -19.74
N PRO A 307 -6.61 16.69 -20.23
CA PRO A 307 -7.53 17.53 -19.48
C PRO A 307 -8.71 16.85 -18.76
N GLY A 308 -8.61 15.52 -18.59
CA GLY A 308 -9.59 14.79 -17.78
C GLY A 308 -9.42 15.11 -16.30
N PHE A 309 -10.32 14.57 -15.50
CA PHE A 309 -10.34 14.83 -14.05
C PHE A 309 -9.05 14.33 -13.41
N PRO A 310 -8.37 15.16 -12.61
CA PRO A 310 -7.06 14.79 -12.08
C PRO A 310 -7.10 13.75 -10.96
N THR A 311 -6.29 12.70 -11.12
CA THR A 311 -6.16 11.68 -10.03
C THR A 311 -5.74 12.36 -8.72
N ASP A 312 -4.95 13.44 -8.79
CA ASP A 312 -4.49 14.09 -7.54
C ASP A 312 -5.64 14.80 -6.81
N MET A 313 -6.82 14.90 -7.41
CA MET A 313 -8.01 15.44 -6.70
C MET A 313 -8.95 14.31 -6.27
N GLN A 314 -8.72 13.07 -6.67
CA GLN A 314 -9.69 11.96 -6.44
C GLN A 314 -10.04 11.76 -4.97
N ALA A 315 -9.04 11.58 -4.11
CA ALA A 315 -9.36 11.22 -2.71
C ALA A 315 -10.20 12.33 -2.08
N GLN A 316 -9.77 13.57 -2.27
CA GLN A 316 -10.50 14.72 -1.71
C GLN A 316 -11.93 14.73 -2.27
N PHE A 317 -12.10 14.47 -3.56
CA PHE A 317 -13.46 14.50 -4.14
C PHE A 317 -14.31 13.37 -3.54
N THR A 318 -13.72 12.22 -3.24
CA THR A 318 -14.54 11.14 -2.61
C THR A 318 -15.06 11.59 -1.23
N ALA A 319 -14.29 12.43 -0.52
CA ALA A 319 -14.80 12.97 0.77
C ALA A 319 -16.05 13.83 0.50
N LEU A 320 -16.04 14.64 -0.55
CA LEU A 320 -17.25 15.43 -0.90
C LEU A 320 -18.39 14.50 -1.31
N MET A 321 -18.10 13.39 -1.98
CA MET A 321 -19.18 12.46 -2.39
C MET A 321 -19.90 11.92 -1.14
N THR A 322 -19.22 11.86 0.01
CA THR A 322 -19.91 11.36 1.23
C THR A 322 -21.05 12.29 1.67
N VAL A 323 -21.06 13.58 1.32
N VAL A 323 -21.06 13.53 1.17
CA VAL A 323 -22.16 14.43 1.85
CA VAL A 323 -22.01 14.64 1.54
C VAL A 323 -23.24 14.69 0.82
C VAL A 323 -23.09 14.87 0.46
N ALA A 324 -23.02 14.34 -0.44
N ALA A 324 -22.92 14.32 -0.75
CA ALA A 324 -24.03 14.62 -1.48
CA ALA A 324 -23.89 14.55 -1.85
C ALA A 324 -25.22 13.67 -1.36
C ALA A 324 -25.05 13.55 -1.75
N LYS A 325 -26.27 13.95 -2.12
CA LYS A 325 -27.48 13.10 -2.06
C LYS A 325 -27.45 12.10 -3.20
N GLY A 326 -27.53 10.82 -2.87
CA GLY A 326 -27.54 9.74 -3.86
C GLY A 326 -26.24 8.96 -3.85
N GLU A 327 -26.12 8.02 -4.79
N GLU A 327 -26.12 8.01 -4.78
CA GLU A 327 -24.91 7.18 -4.87
CA GLU A 327 -24.93 7.14 -4.92
C GLU A 327 -23.96 7.75 -5.92
C GLU A 327 -23.94 7.71 -5.94
N SER A 328 -22.77 8.14 -5.47
CA SER A 328 -21.72 8.65 -6.38
C SER A 328 -20.84 7.49 -6.80
N THR A 329 -20.12 7.65 -7.92
CA THR A 329 -19.19 6.63 -8.43
C THR A 329 -17.88 7.34 -8.77
N MET A 330 -16.78 6.81 -8.25
CA MET A 330 -15.42 7.30 -8.56
C MET A 330 -14.65 6.18 -9.26
N VAL A 331 -14.21 6.43 -10.49
CA VAL A 331 -13.40 5.44 -11.24
C VAL A 331 -11.97 5.99 -11.30
N GLU A 332 -11.03 5.29 -10.66
CA GLU A 332 -9.61 5.74 -10.64
C GLU A 332 -8.85 4.92 -11.69
N THR A 333 -8.55 5.53 -12.84
CA THR A 333 -7.87 4.77 -13.92
C THR A 333 -6.36 5.00 -13.95
N VAL A 334 -5.83 5.97 -13.21
CA VAL A 334 -4.39 6.32 -13.36
C VAL A 334 -3.51 5.51 -12.42
N PHE A 335 -3.98 5.28 -11.21
CA PHE A 335 -3.22 4.51 -10.17
C PHE A 335 -4.06 3.29 -9.78
N GLU A 336 -3.39 2.16 -9.63
N GLU A 336 -3.43 2.20 -9.30
CA GLU A 336 -4.07 0.87 -9.40
CA GLU A 336 -4.17 0.96 -8.93
C GLU A 336 -4.62 0.75 -7.98
C GLU A 336 -4.42 0.80 -7.41
N ASN A 337 -4.01 1.43 -7.00
N ASN A 337 -3.77 1.56 -6.53
CA ASN A 337 -4.33 1.24 -5.55
CA ASN A 337 -3.99 1.35 -5.08
C ASN A 337 -4.32 2.57 -4.78
C ASN A 337 -4.32 2.71 -4.48
N ARG A 338 -5.25 3.45 -5.13
CA ARG A 338 -5.44 4.81 -4.58
C ARG A 338 -6.82 4.98 -3.91
N PHE A 339 -7.34 3.92 -3.30
CA PHE A 339 -8.58 4.03 -2.50
C PHE A 339 -8.31 3.68 -1.03
N GLN A 340 -7.06 3.74 -0.58
CA GLN A 340 -6.73 3.35 0.82
C GLN A 340 -7.44 4.27 1.84
N HIS A 341 -7.67 5.53 1.49
CA HIS A 341 -8.37 6.43 2.43
C HIS A 341 -9.80 5.90 2.71
N LEU A 342 -10.46 5.30 1.72
CA LEU A 342 -11.85 4.81 1.94
C LEU A 342 -11.84 3.66 2.96
N GLU A 343 -10.72 2.94 3.07
N GLU A 343 -10.85 2.78 2.87
CA GLU A 343 -10.56 1.86 4.08
CA GLU A 343 -10.80 1.64 3.83
C GLU A 343 -10.50 2.51 5.49
C GLU A 343 -10.62 2.21 5.23
N GLU A 344 -9.66 3.54 5.68
N GLU A 344 -9.82 3.27 5.35
CA GLU A 344 -9.60 4.24 6.99
CA GLU A 344 -9.61 3.91 6.67
C GLU A 344 -10.94 4.92 7.27
C GLU A 344 -10.91 4.60 7.13
N MET A 345 -11.63 5.31 6.22
CA MET A 345 -12.91 6.04 6.48
C MET A 345 -14.00 5.09 6.99
N ARG A 346 -13.81 3.78 6.79
N ARG A 346 -13.82 3.78 6.81
CA ARG A 346 -14.76 2.81 7.40
CA ARG A 346 -14.80 2.83 7.41
C ARG A 346 -14.78 3.06 8.92
C ARG A 346 -14.76 2.98 8.95
N ARG A 347 -13.64 3.47 9.48
CA ARG A 347 -13.53 3.69 10.95
C ARG A 347 -14.43 4.86 11.36
N MET A 348 -14.76 5.74 10.42
CA MET A 348 -15.63 6.91 10.71
C MET A 348 -17.08 6.54 10.39
N GLY A 349 -17.36 5.28 10.06
CA GLY A 349 -18.72 4.82 9.74
C GLY A 349 -19.06 4.86 8.25
N LEU A 350 -18.09 5.13 7.38
CA LEU A 350 -18.44 5.20 5.94
C LEU A 350 -18.42 3.83 5.28
N HIS A 351 -19.57 3.43 4.73
N HIS A 351 -19.57 3.43 4.73
CA HIS A 351 -19.67 2.21 3.93
CA HIS A 351 -19.66 2.18 3.94
C HIS A 351 -19.40 2.59 2.46
C HIS A 351 -19.45 2.53 2.46
N SER A 352 -18.49 1.87 1.82
CA SER A 352 -18.23 2.09 0.37
C SER A 352 -18.07 0.71 -0.26
N GLU A 353 -18.40 0.62 -1.55
N GLU A 353 -18.36 0.60 -1.56
CA GLU A 353 -18.24 -0.63 -2.33
CA GLU A 353 -18.23 -0.70 -2.28
C GLU A 353 -17.13 -0.41 -3.35
C GLU A 353 -17.19 -0.52 -3.39
N ILE A 354 -16.02 -1.13 -3.19
CA ILE A 354 -14.86 -1.00 -4.12
C ILE A 354 -14.69 -2.29 -4.92
N ILE A 355 -14.84 -2.20 -6.23
CA ILE A 355 -14.64 -3.33 -7.19
C ILE A 355 -13.58 -2.87 -8.18
N ARG A 356 -12.36 -3.41 -8.05
CA ARG A 356 -11.26 -3.05 -8.98
C ARG A 356 -11.01 -1.53 -8.96
N ASP A 357 -11.21 -0.84 -10.08
CA ASP A 357 -10.90 0.61 -10.17
C ASP A 357 -12.09 1.50 -9.80
N THR A 358 -13.19 0.91 -9.31
CA THR A 358 -14.43 1.69 -9.10
C THR A 358 -14.91 1.65 -7.64
N ALA A 359 -15.14 2.83 -7.08
CA ALA A 359 -15.70 2.97 -5.72
C ALA A 359 -17.11 3.57 -5.81
N ARG A 360 -18.08 2.95 -5.16
CA ARG A 360 -19.47 3.49 -5.08
C ARG A 360 -19.70 3.96 -3.65
N ILE A 361 -20.21 5.18 -3.52
CA ILE A 361 -20.37 5.83 -2.19
C ILE A 361 -21.77 6.43 -2.12
N VAL A 362 -22.59 5.92 -1.21
CA VAL A 362 -23.92 6.51 -0.96
C VAL A 362 -23.72 7.71 -0.03
N GLY A 363 -24.17 8.89 -0.44
CA GLY A 363 -24.01 10.08 0.41
C GLY A 363 -24.99 10.10 1.57
N GLY A 364 -24.71 10.95 2.54
CA GLY A 364 -25.65 11.17 3.68
C GLY A 364 -25.52 10.19 4.83
N GLN A 365 -24.56 9.26 4.79
CA GLN A 365 -24.36 8.35 5.93
C GLN A 365 -23.93 9.16 7.15
N PRO A 366 -24.33 8.73 8.37
N PRO A 366 -24.43 8.85 8.35
CA PRO A 366 -24.02 9.46 9.62
CA PRO A 366 -24.00 9.57 9.54
C PRO A 366 -22.63 9.20 10.23
C PRO A 366 -22.56 9.11 9.78
N LEU A 367 -21.62 9.86 9.66
N LEU A 367 -21.67 10.08 9.92
CA LEU A 367 -20.21 9.62 10.08
CA LEU A 367 -20.24 9.77 10.14
C LEU A 367 -19.89 10.19 11.47
C LEU A 367 -19.85 10.27 11.52
N GLN A 368 -18.91 9.56 12.15
CA GLN A 368 -18.42 9.98 13.48
C GLN A 368 -16.91 10.11 13.43
N GLY A 369 -16.39 11.05 14.20
CA GLY A 369 -14.93 11.18 14.32
C GLY A 369 -14.29 9.94 14.94
N ALA A 370 -13.08 9.63 14.48
CA ALA A 370 -12.32 8.50 15.01
C ALA A 370 -10.84 8.76 14.80
N GLU A 371 -10.01 7.93 15.43
N GLU A 371 -9.98 8.01 15.48
CA GLU A 371 -8.54 7.98 15.26
CA GLU A 371 -8.52 8.16 15.23
C GLU A 371 -8.23 7.30 13.92
C GLU A 371 -8.21 7.35 13.97
N VAL A 372 -7.60 8.03 13.00
CA VAL A 372 -7.29 7.46 11.67
C VAL A 372 -5.84 7.76 11.30
N LEU A 373 -5.31 6.96 10.38
CA LEU A 373 -3.91 7.11 9.93
C LEU A 373 -3.84 7.35 8.44
N SER A 374 -3.05 8.37 8.08
CA SER A 374 -2.79 8.72 6.67
C SER A 374 -1.93 7.63 6.00
N THR A 375 -2.24 7.30 4.74
CA THR A 375 -1.44 6.29 3.97
C THR A 375 -0.62 6.96 2.86
N ASP A 376 -1.01 8.18 2.49
CA ASP A 376 -0.37 8.90 1.36
C ASP A 376 -0.82 10.36 1.44
N LEU A 377 -0.20 11.20 0.62
CA LEU A 377 -0.41 12.66 0.67
C LEU A 377 -1.90 13.05 0.52
N ARG A 378 -2.54 12.67 -0.58
CA ARG A 378 -3.93 13.14 -0.81
C ARG A 378 -4.90 12.43 0.13
N ALA A 379 -4.61 11.20 0.52
CA ALA A 379 -5.46 10.50 1.51
C ALA A 379 -5.47 11.30 2.81
N SER A 380 -4.33 11.83 3.21
CA SER A 380 -4.26 12.61 4.48
C SER A 380 -5.23 13.80 4.39
N ALA A 381 -5.20 14.53 3.27
CA ALA A 381 -6.11 15.68 3.13
C ALA A 381 -7.56 15.18 3.15
N ALA A 382 -7.85 14.06 2.49
CA ALA A 382 -9.24 13.54 2.45
C ALA A 382 -9.72 13.17 3.86
N LEU A 383 -8.86 12.61 4.70
CA LEU A 383 -9.28 12.24 6.07
C LEU A 383 -9.59 13.52 6.87
N ILE A 384 -8.72 14.53 6.75
CA ILE A 384 -8.95 15.80 7.48
C ILE A 384 -10.26 16.44 7.03
N LEU A 385 -10.50 16.45 5.71
CA LEU A 385 -11.75 17.05 5.19
C LEU A 385 -12.97 16.27 5.73
N THR A 386 -12.88 14.95 5.76
CA THR A 386 -14.02 14.17 6.29
C THR A 386 -14.20 14.48 7.79
N GLY A 387 -13.10 14.69 8.51
CA GLY A 387 -13.20 15.06 9.93
C GLY A 387 -13.98 16.37 10.11
N LEU A 388 -13.94 17.27 9.13
CA LEU A 388 -14.69 18.54 9.28
C LEU A 388 -16.19 18.26 9.38
N VAL A 389 -16.69 17.23 8.70
CA VAL A 389 -18.16 17.00 8.58
C VAL A 389 -18.65 15.85 9.45
N ALA A 390 -17.78 15.03 10.01
CA ALA A 390 -18.21 13.91 10.87
C ALA A 390 -18.61 14.49 12.24
N GLN A 391 -19.44 13.76 12.98
N GLN A 391 -19.41 13.75 12.99
CA GLN A 391 -19.82 14.24 14.33
CA GLN A 391 -19.83 14.23 14.34
C GLN A 391 -18.78 13.75 15.34
C GLN A 391 -18.83 13.73 15.39
N GLY A 392 -18.29 14.64 16.20
CA GLY A 392 -17.30 14.27 17.22
C GLY A 392 -15.89 14.62 16.81
N GLU A 393 -14.91 14.01 17.47
CA GLU A 393 -13.49 14.38 17.26
C GLU A 393 -12.77 13.38 16.38
N THR A 394 -12.11 13.87 15.34
CA THR A 394 -11.26 13.05 14.45
C THR A 394 -9.80 13.38 14.77
N VAL A 395 -8.97 12.34 14.86
CA VAL A 395 -7.52 12.53 15.10
C VAL A 395 -6.81 11.88 13.91
N VAL A 396 -6.07 12.68 13.16
CA VAL A 396 -5.37 12.20 11.94
C VAL A 396 -3.86 12.14 12.21
N GLY A 397 -3.29 10.96 12.02
CA GLY A 397 -1.86 10.74 12.23
C GLY A 397 -1.10 10.44 10.95
N LYS A 398 0.19 10.13 11.10
N LYS A 398 0.20 10.13 11.08
CA LYS A 398 1.15 9.87 9.99
CA LYS A 398 1.10 9.84 9.93
C LYS A 398 1.15 11.10 9.07
C LYS A 398 1.15 11.09 9.05
N LEU A 399 1.37 12.27 9.65
CA LEU A 399 1.37 13.54 8.90
C LEU A 399 2.63 13.71 8.03
N VAL A 400 3.59 12.82 8.09
CA VAL A 400 4.75 12.91 7.16
C VAL A 400 4.21 12.97 5.73
N HIS A 401 3.08 12.31 5.46
CA HIS A 401 2.53 12.30 4.08
C HIS A 401 1.96 13.67 3.71
N LEU A 402 1.19 14.27 4.61
CA LEU A 402 0.58 15.59 4.33
C LEU A 402 1.68 16.64 4.08
N ASP A 403 2.75 16.59 4.87
CA ASP A 403 3.82 17.62 4.82
C ASP A 403 4.60 17.58 3.49
N ARG A 404 4.39 16.55 2.67
N ARG A 404 4.39 16.54 2.68
CA ARG A 404 5.09 16.51 1.35
CA ARG A 404 5.04 16.49 1.34
C ARG A 404 4.37 17.45 0.35
C ARG A 404 4.39 17.48 0.39
N GLY A 405 3.10 17.79 0.60
CA GLY A 405 2.37 18.56 -0.41
C GLY A 405 1.49 19.69 0.06
N TYR A 406 1.33 19.85 1.37
N TYR A 406 1.27 19.85 1.37
CA TYR A 406 0.56 21.00 1.87
CA TYR A 406 0.44 20.95 1.89
C TYR A 406 1.42 21.77 2.85
C TYR A 406 1.20 21.74 2.95
N TYR A 407 1.41 23.09 2.72
N TYR A 407 1.39 23.04 2.71
CA TYR A 407 2.07 23.92 3.74
CA TYR A 407 2.02 23.95 3.69
C TYR A 407 0.96 24.54 4.61
C TYR A 407 0.93 24.54 4.61
N GLY A 408 1.09 24.38 5.93
CA GLY A 408 0.16 24.98 6.90
C GLY A 408 -1.31 24.67 6.65
N PHE A 409 -1.64 23.44 6.28
CA PHE A 409 -3.03 23.07 5.95
C PHE A 409 -3.99 23.37 7.13
N HIS A 410 -3.60 22.97 8.33
CA HIS A 410 -4.49 23.18 9.51
C HIS A 410 -4.66 24.68 9.79
N GLU A 411 -3.61 25.49 9.62
CA GLU A 411 -3.72 26.95 9.85
C GLU A 411 -4.67 27.58 8.83
N LYS A 412 -4.56 27.19 7.56
CA LYS A 412 -5.45 27.76 6.53
C LYS A 412 -6.90 27.36 6.82
N LEU A 413 -7.14 26.10 7.19
CA LEU A 413 -8.53 25.70 7.52
C LEU A 413 -9.02 26.45 8.77
N ALA A 414 -8.17 26.59 9.79
CA ALA A 414 -8.61 27.29 11.02
C ALA A 414 -8.97 28.75 10.72
N GLN A 415 -8.24 29.41 9.81
N GLN A 415 -8.20 29.39 9.83
CA GLN A 415 -8.55 30.85 9.52
CA GLN A 415 -8.46 30.80 9.46
C GLN A 415 -9.84 30.97 8.70
C GLN A 415 -9.86 30.91 8.83
N LEU A 416 -10.31 29.86 8.12
CA LEU A 416 -11.63 29.85 7.44
C LEU A 416 -12.74 29.47 8.43
N GLY A 417 -12.39 29.19 9.69
CA GLY A 417 -13.42 28.90 10.69
C GLY A 417 -13.45 27.45 11.18
N ALA A 418 -12.58 26.59 10.69
CA ALA A 418 -12.60 25.18 11.13
C ALA A 418 -12.08 25.05 12.56
N LYS A 419 -12.71 24.14 13.32
N LYS A 419 -12.70 24.14 13.32
CA LYS A 419 -12.23 23.78 14.69
CA LYS A 419 -12.25 23.78 14.69
C LYS A 419 -11.18 22.70 14.50
C LYS A 419 -11.18 22.70 14.50
N ILE A 420 -9.94 23.14 14.30
CA ILE A 420 -8.84 22.20 13.95
C ILE A 420 -7.55 22.69 14.60
N GLN A 421 -6.78 21.74 15.11
N GLN A 421 -6.77 21.73 15.09
CA GLN A 421 -5.48 22.03 15.75
CA GLN A 421 -5.46 22.04 15.70
C GLN A 421 -4.44 21.00 15.32
C GLN A 421 -4.43 21.04 15.20
N ARG A 422 -3.17 21.41 15.27
CA ARG A 422 -2.05 20.48 15.02
C ARG A 422 -1.31 20.40 16.35
N ILE A 423 -1.30 19.22 16.98
CA ILE A 423 -0.70 19.02 18.32
C ILE A 423 0.65 18.29 18.18
N GLU A 424 1.68 18.80 18.86
CA GLU A 424 3.05 18.20 18.82
C GLU A 424 3.21 17.22 19.98
N MET B 4 17.76 0.42 11.24
N MET B 4 18.15 0.44 11.92
CA MET B 4 17.24 -0.69 12.10
CA MET B 4 17.23 -0.70 12.16
C MET B 4 17.87 -2.00 11.58
C MET B 4 17.91 -1.98 11.66
N ASP B 5 17.40 -3.16 12.03
CA ASP B 5 18.05 -4.44 11.58
C ASP B 5 17.97 -4.58 10.06
N LYS B 6 18.98 -5.24 9.49
N LYS B 6 18.94 -5.30 9.49
CA LYS B 6 19.01 -5.54 8.04
CA LYS B 6 18.95 -5.52 8.02
C LYS B 6 19.41 -7.01 7.82
C LYS B 6 19.49 -6.91 7.73
N ILE B 7 18.90 -7.61 6.76
CA ILE B 7 19.38 -8.96 6.36
C ILE B 7 20.25 -8.75 5.13
N VAL B 8 21.47 -9.29 5.19
CA VAL B 8 22.48 -9.12 4.12
C VAL B 8 22.75 -10.49 3.49
N VAL B 9 22.57 -10.58 2.19
CA VAL B 9 22.78 -11.87 1.49
C VAL B 9 23.86 -11.71 0.43
N GLN B 10 24.84 -12.63 0.45
N GLN B 10 24.86 -12.61 0.42
CA GLN B 10 25.89 -12.72 -0.59
CA GLN B 10 25.86 -12.60 -0.68
C GLN B 10 25.31 -13.69 -1.61
C GLN B 10 25.29 -13.55 -1.73
N GLY B 11 24.98 -13.22 -2.82
N GLY B 11 24.68 -12.97 -2.76
CA GLY B 11 24.23 -14.12 -3.72
CA GLY B 11 23.97 -13.73 -3.80
C GLY B 11 25.04 -14.86 -4.74
C GLY B 11 24.87 -14.56 -4.68
N GLY B 12 24.31 -15.59 -5.61
N GLY B 12 24.40 -15.78 -5.01
CA GLY B 12 24.86 -16.29 -6.77
CA GLY B 12 25.08 -16.75 -5.88
C GLY B 12 25.23 -17.74 -6.53
C GLY B 12 25.71 -17.88 -5.08
N ASP B 13 25.67 -18.10 -5.31
N ASP B 13 25.79 -19.08 -5.66
CA ASP B 13 26.14 -19.49 -5.06
CA ASP B 13 26.43 -20.21 -4.95
C ASP B 13 25.68 -19.91 -3.66
C ASP B 13 25.72 -20.44 -3.60
N ASN B 14 24.39 -20.26 -3.53
CA ASN B 14 23.68 -20.53 -2.25
C ASN B 14 22.84 -21.81 -2.33
N ARG B 15 23.39 -22.87 -2.93
CA ARG B 15 22.64 -24.14 -2.96
C ARG B 15 22.30 -24.54 -1.54
N LEU B 16 21.01 -24.70 -1.24
CA LEU B 16 20.59 -25.05 0.14
C LEU B 16 20.55 -26.57 0.30
N VAL B 17 21.23 -27.06 1.33
CA VAL B 17 21.30 -28.53 1.57
C VAL B 17 21.18 -28.77 3.08
N GLY B 18 20.26 -29.65 3.46
CA GLY B 18 20.14 -30.02 4.88
C GLY B 18 18.70 -30.23 5.27
N SER B 19 18.40 -30.06 6.56
CA SER B 19 17.06 -30.28 7.11
C SER B 19 16.65 -29.03 7.87
N VAL B 20 15.35 -28.72 7.84
CA VAL B 20 14.85 -27.50 8.53
C VAL B 20 13.61 -27.83 9.35
N THR B 21 13.59 -27.26 10.55
CA THR B 21 12.44 -27.36 11.48
C THR B 21 11.51 -26.18 11.23
N ILE B 22 10.21 -26.47 11.20
CA ILE B 22 9.15 -25.46 10.90
C ILE B 22 8.37 -25.17 12.18
N GLU B 23 8.04 -23.91 12.40
CA GLU B 23 7.27 -23.51 13.59
C GLU B 23 5.78 -23.86 13.45
N GLY B 24 5.06 -23.77 14.58
CA GLY B 24 3.60 -23.80 14.55
C GLY B 24 3.06 -22.67 13.69
N ALA B 25 1.88 -22.84 13.13
CA ALA B 25 1.30 -21.89 12.18
C ALA B 25 0.85 -20.57 12.80
N LYS B 26 1.40 -19.47 12.29
N LYS B 26 1.42 -19.49 12.26
CA LYS B 26 0.97 -18.14 12.77
CA LYS B 26 1.02 -18.11 12.62
C LYS B 26 -0.52 -17.96 12.49
C LYS B 26 -0.51 -18.00 12.49
N ASN B 27 -1.00 -18.44 11.33
CA ASN B 27 -2.42 -18.24 10.97
C ASN B 27 -3.35 -19.23 11.68
N ALA B 28 -2.83 -20.20 12.41
CA ALA B 28 -3.71 -21.03 13.26
C ALA B 28 -3.63 -20.53 14.70
N VAL B 29 -2.45 -20.15 15.17
CA VAL B 29 -2.34 -19.82 16.63
C VAL B 29 -3.19 -18.59 16.97
N LEU B 30 -3.37 -17.65 16.04
CA LEU B 30 -4.12 -16.43 16.41
C LEU B 30 -5.59 -16.77 16.68
N PRO B 31 -6.33 -17.48 15.81
CA PRO B 31 -7.72 -17.83 16.15
C PRO B 31 -7.80 -18.86 17.28
N LEU B 32 -6.81 -19.76 17.41
CA LEU B 32 -6.83 -20.71 18.53
C LEU B 32 -6.74 -19.93 19.85
N LEU B 33 -5.91 -18.89 19.89
CA LEU B 33 -5.82 -18.06 21.13
C LEU B 33 -7.18 -17.36 21.37
N ALA B 34 -7.83 -16.88 20.33
CA ALA B 34 -9.13 -16.21 20.51
C ALA B 34 -10.12 -17.22 21.10
N ALA B 35 -10.09 -18.46 20.63
CA ALA B 35 -11.02 -19.52 21.09
C ALA B 35 -10.90 -19.78 22.58
N THR B 36 -9.74 -19.52 23.20
CA THR B 36 -9.56 -19.78 24.66
C THR B 36 -10.59 -19.01 25.49
N ILE B 37 -11.09 -17.90 24.97
N ILE B 37 -11.09 -17.90 24.94
CA ILE B 37 -12.09 -17.09 25.75
CA ILE B 37 -12.12 -17.03 25.58
C ILE B 37 -13.39 -17.90 25.93
C ILE B 37 -13.40 -17.85 25.86
N LEU B 38 -13.64 -18.89 25.07
CA LEU B 38 -14.90 -19.66 25.17
C LEU B 38 -14.92 -20.58 26.40
N ALA B 39 -13.76 -20.92 26.96
CA ALA B 39 -13.73 -21.98 28.01
C ALA B 39 -13.97 -21.38 29.40
N SER B 40 -15.12 -21.68 29.98
CA SER B 40 -15.48 -21.15 31.32
C SER B 40 -15.04 -22.09 32.45
N GLU B 41 -14.62 -23.31 32.10
N GLU B 41 -14.66 -23.31 32.10
CA GLU B 41 -14.16 -24.33 33.09
CA GLU B 41 -14.17 -24.31 33.08
C GLU B 41 -12.88 -24.97 32.56
C GLU B 41 -12.85 -24.85 32.54
N GLY B 42 -11.85 -25.02 33.41
CA GLY B 42 -10.54 -25.56 33.01
C GLY B 42 -9.74 -24.53 32.23
N LYS B 43 -8.44 -24.72 32.16
CA LYS B 43 -7.52 -23.82 31.44
C LYS B 43 -7.20 -24.43 30.07
N THR B 44 -6.86 -23.59 29.11
CA THR B 44 -6.45 -24.08 27.77
C THR B 44 -4.94 -23.96 27.66
N VAL B 45 -4.30 -24.99 27.12
CA VAL B 45 -2.84 -24.95 26.87
C VAL B 45 -2.63 -25.21 25.37
N LEU B 46 -1.98 -24.28 24.70
CA LEU B 46 -1.57 -24.44 23.29
C LEU B 46 -0.07 -24.73 23.26
N GLN B 47 0.30 -25.78 22.54
CA GLN B 47 1.73 -26.15 22.38
C GLN B 47 2.13 -25.94 20.91
N ASN B 48 3.43 -25.92 20.67
CA ASN B 48 3.98 -25.63 19.32
C ASN B 48 3.61 -24.19 18.93
N VAL B 49 3.61 -23.28 19.90
CA VAL B 49 3.32 -21.85 19.63
C VAL B 49 4.58 -21.16 19.10
N PRO B 50 4.50 -20.45 17.95
CA PRO B 50 5.66 -19.75 17.41
C PRO B 50 5.93 -18.42 18.14
N ILE B 51 7.20 -18.06 18.24
N ILE B 51 7.20 -18.04 18.28
CA ILE B 51 7.63 -16.80 18.89
CA ILE B 51 7.58 -16.78 19.00
C ILE B 51 7.59 -15.74 17.79
C ILE B 51 7.62 -15.64 17.98
N LEU B 52 6.44 -15.08 17.66
CA LEU B 52 6.25 -14.07 16.61
C LEU B 52 5.60 -12.83 17.21
N SER B 53 5.83 -11.68 16.57
CA SER B 53 5.26 -10.44 17.13
C SER B 53 3.72 -10.51 17.18
N ASP B 54 3.07 -11.14 16.20
CA ASP B 54 1.58 -11.20 16.21
C ASP B 54 1.08 -12.02 17.41
N VAL B 55 1.83 -13.01 17.85
CA VAL B 55 1.40 -13.85 19.02
C VAL B 55 1.47 -12.97 20.28
N PHE B 56 2.51 -12.16 20.43
CA PHE B 56 2.56 -11.30 21.62
C PHE B 56 1.37 -10.33 21.62
N ILE B 57 1.00 -9.80 20.46
CA ILE B 57 -0.17 -8.87 20.43
C ILE B 57 -1.45 -9.62 20.78
N MET B 58 -1.66 -10.81 20.22
CA MET B 58 -2.92 -11.54 20.52
C MET B 58 -2.94 -11.89 22.02
N ASN B 59 -1.78 -12.18 22.61
CA ASN B 59 -1.78 -12.49 24.06
C ASN B 59 -2.20 -11.24 24.83
N GLN B 60 -1.81 -10.05 24.36
CA GLN B 60 -2.24 -8.78 25.01
C GLN B 60 -3.75 -8.59 24.82
N VAL B 61 -4.28 -8.87 23.64
CA VAL B 61 -5.76 -8.75 23.43
C VAL B 61 -6.49 -9.68 24.40
N VAL B 62 -6.14 -10.96 24.40
CA VAL B 62 -6.85 -11.93 25.28
C VAL B 62 -6.64 -11.58 26.75
N GLY B 63 -5.44 -11.17 27.13
CA GLY B 63 -5.21 -10.79 28.54
C GLY B 63 -6.05 -9.57 28.93
N GLY B 64 -6.30 -8.69 27.96
CA GLY B 64 -7.11 -7.48 28.19
C GLY B 64 -8.58 -7.79 28.40
N LEU B 65 -9.00 -9.04 28.13
CA LEU B 65 -10.40 -9.49 28.34
C LEU B 65 -10.54 -10.13 29.73
N ASN B 66 -9.53 -9.98 30.56
CA ASN B 66 -9.51 -10.52 31.95
C ASN B 66 -9.29 -12.04 31.94
N ALA B 67 -8.62 -12.57 30.91
CA ALA B 67 -8.14 -13.96 30.90
C ALA B 67 -6.68 -13.87 31.31
N LYS B 68 -6.17 -14.85 32.07
N LYS B 68 -6.18 -14.83 32.10
CA LYS B 68 -4.75 -14.87 32.48
CA LYS B 68 -4.74 -14.80 32.46
C LYS B 68 -3.96 -15.62 31.42
C LYS B 68 -4.01 -15.58 31.38
N VAL B 69 -3.03 -14.95 30.73
CA VAL B 69 -2.26 -15.57 29.61
C VAL B 69 -0.78 -15.64 29.98
N ASP B 70 -0.23 -16.85 30.00
CA ASP B 70 1.20 -17.06 30.32
C ASP B 70 1.90 -17.71 29.13
N PHE B 71 2.90 -17.03 28.59
CA PHE B 71 3.64 -17.55 27.41
C PHE B 71 5.03 -18.01 27.83
N ASP B 72 5.22 -19.33 27.86
CA ASP B 72 6.54 -19.94 28.14
C ASP B 72 7.23 -20.10 26.78
N GLU B 73 8.06 -19.12 26.42
CA GLU B 73 8.66 -19.12 25.06
C GLU B 73 9.60 -20.30 24.84
N GLU B 74 10.37 -20.68 25.86
N GLU B 74 10.38 -20.67 25.85
CA GLU B 74 11.33 -21.82 25.73
CA GLU B 74 11.33 -21.82 25.75
C GLU B 74 10.56 -23.10 25.42
C GLU B 74 10.56 -23.10 25.43
N ALA B 75 9.38 -23.25 26.02
CA ALA B 75 8.54 -24.46 25.83
C ALA B 75 7.57 -24.30 24.67
N HIS B 76 7.56 -23.14 24.01
CA HIS B 76 6.59 -22.84 22.91
C HIS B 76 5.18 -23.18 23.41
N LEU B 77 4.82 -22.64 24.56
CA LEU B 77 3.55 -23.01 25.24
C LEU B 77 2.82 -21.76 25.72
N VAL B 78 1.54 -21.66 25.45
CA VAL B 78 0.71 -20.58 26.03
C VAL B 78 -0.39 -21.23 26.87
N LYS B 79 -0.51 -20.79 28.11
CA LYS B 79 -1.57 -21.25 29.03
C LYS B 79 -2.55 -20.11 29.25
N VAL B 80 -3.85 -20.39 29.10
CA VAL B 80 -4.90 -19.36 29.30
C VAL B 80 -5.89 -19.83 30.36
N ASP B 81 -6.12 -18.97 31.34
CA ASP B 81 -7.20 -19.19 32.33
C ASP B 81 -8.28 -18.15 32.06
N ALA B 82 -9.35 -18.58 31.37
CA ALA B 82 -10.50 -17.70 31.04
C ALA B 82 -11.69 -18.04 31.94
N THR B 83 -11.44 -18.61 33.12
CA THR B 83 -12.57 -19.01 34.02
C THR B 83 -13.15 -17.82 34.79
N GLY B 84 -12.46 -16.69 34.80
CA GLY B 84 -13.02 -15.53 35.52
C GLY B 84 -14.14 -14.84 34.74
N ASP B 85 -14.49 -13.63 35.19
CA ASP B 85 -15.50 -12.79 34.50
C ASP B 85 -14.78 -12.09 33.35
N ILE B 86 -15.15 -12.48 32.14
CA ILE B 86 -14.49 -11.97 30.89
C ILE B 86 -15.08 -10.61 30.54
N THR B 87 -14.21 -9.69 30.14
CA THR B 87 -14.59 -8.31 29.73
C THR B 87 -14.76 -8.26 28.21
N GLU B 88 -15.14 -7.08 27.71
N GLU B 88 -15.25 -7.13 27.68
CA GLU B 88 -15.66 -6.97 26.32
CA GLU B 88 -15.76 -7.14 26.29
C GLU B 88 -14.78 -6.22 25.32
C GLU B 88 -14.99 -6.31 25.27
N GLU B 89 -13.71 -5.54 25.74
N GLU B 89 -13.84 -5.73 25.63
CA GLU B 89 -13.07 -4.62 24.76
CA GLU B 89 -13.18 -4.73 24.73
C GLU B 89 -11.74 -5.09 24.17
C GLU B 89 -11.82 -5.18 24.16
N ALA B 90 -11.64 -4.99 22.84
CA ALA B 90 -10.39 -5.17 22.07
C ALA B 90 -10.05 -3.76 21.56
N PRO B 91 -9.11 -3.06 22.21
CA PRO B 91 -8.85 -1.65 21.89
C PRO B 91 -8.04 -1.37 20.61
N TYR B 92 -8.20 -0.14 20.16
CA TYR B 92 -7.50 0.39 18.96
C TYR B 92 -5.98 0.14 19.04
N LYS B 93 -5.40 0.29 20.21
CA LYS B 93 -3.92 0.15 20.31
C LYS B 93 -3.46 -1.24 19.87
N TYR B 94 -4.34 -2.26 19.89
CA TYR B 94 -3.95 -3.60 19.41
C TYR B 94 -4.48 -3.85 18.00
N VAL B 95 -5.76 -3.56 17.76
CA VAL B 95 -6.34 -3.84 16.41
C VAL B 95 -5.60 -3.04 15.33
N SER B 96 -5.19 -1.80 15.64
CA SER B 96 -4.50 -0.97 14.62
C SER B 96 -3.16 -1.61 14.23
N LYS B 97 -2.58 -2.41 15.12
CA LYS B 97 -1.26 -3.03 14.85
C LYS B 97 -1.42 -4.44 14.26
N MET B 98 -2.61 -5.02 14.39
N MET B 98 -2.59 -5.04 14.38
CA MET B 98 -2.84 -6.39 13.91
CA MET B 98 -2.75 -6.44 13.92
C MET B 98 -4.32 -6.61 13.65
C MET B 98 -4.25 -6.71 13.76
N ARG B 99 -4.69 -6.56 12.38
N ARG B 99 -4.75 -6.50 12.52
CA ARG B 99 -6.07 -6.73 11.88
CA ARG B 99 -6.19 -6.64 12.17
C ARG B 99 -6.70 -8.02 12.42
C ARG B 99 -6.71 -8.02 12.55
N ALA B 100 -5.90 -9.08 12.51
CA ALA B 100 -6.40 -10.42 12.92
C ALA B 100 -6.96 -10.40 14.34
N SER B 101 -6.68 -9.34 15.10
CA SER B 101 -7.27 -9.15 16.45
C SER B 101 -8.81 -9.29 16.39
N ILE B 102 -9.39 -9.01 15.21
N ILE B 102 -9.43 -8.98 15.26
CA ILE B 102 -10.86 -9.02 14.94
CA ILE B 102 -10.92 -8.98 15.28
C ILE B 102 -11.49 -10.37 15.27
C ILE B 102 -11.49 -10.38 15.44
N VAL B 103 -10.69 -11.45 15.33
CA VAL B 103 -11.30 -12.80 15.52
C VAL B 103 -11.62 -13.06 17.00
N VAL B 104 -11.42 -12.07 17.89
CA VAL B 104 -11.97 -12.24 19.27
C VAL B 104 -13.45 -11.79 19.30
N LEU B 105 -13.95 -11.15 18.24
CA LEU B 105 -15.34 -10.62 18.28
C LEU B 105 -16.35 -11.76 18.52
N GLY B 106 -16.23 -12.84 17.74
CA GLY B 106 -17.15 -13.97 17.85
C GLY B 106 -17.10 -14.63 19.23
N PRO B 107 -15.91 -15.01 19.73
CA PRO B 107 -15.83 -15.64 21.05
C PRO B 107 -16.28 -14.71 22.18
N ILE B 108 -16.00 -13.40 22.08
CA ILE B 108 -16.51 -12.49 23.14
C ILE B 108 -18.04 -12.51 23.12
N LEU B 109 -18.64 -12.42 21.94
CA LEU B 109 -20.13 -12.44 21.88
C LEU B 109 -20.67 -13.76 22.43
N ALA B 110 -20.04 -14.88 22.09
CA ALA B 110 -20.49 -16.20 22.60
C ALA B 110 -20.38 -16.29 24.12
N ARG B 111 -19.28 -15.82 24.68
CA ARG B 111 -19.01 -15.95 26.14
C ARG B 111 -19.68 -14.88 26.99
N VAL B 112 -19.66 -13.62 26.52
CA VAL B 112 -20.06 -12.40 27.29
C VAL B 112 -21.44 -11.89 26.84
N GLY B 113 -21.76 -11.99 25.55
CA GLY B 113 -23.04 -11.49 25.01
C GLY B 113 -22.96 -10.06 24.49
N HIS B 114 -21.81 -9.39 24.63
CA HIS B 114 -21.60 -8.01 24.13
C HIS B 114 -20.11 -7.80 23.92
N ALA B 115 -19.75 -6.96 22.96
CA ALA B 115 -18.33 -6.75 22.62
C ALA B 115 -18.11 -5.31 22.14
N LYS B 116 -16.89 -4.85 22.33
CA LYS B 116 -16.47 -3.51 21.83
C LYS B 116 -15.12 -3.76 21.15
N VAL B 117 -15.09 -3.74 19.83
CA VAL B 117 -13.85 -4.12 19.09
C VAL B 117 -13.53 -3.02 18.10
N SER B 118 -12.31 -2.51 18.17
CA SER B 118 -11.92 -1.42 17.24
C SER B 118 -12.12 -1.87 15.78
N MET B 119 -12.75 -1.03 14.97
CA MET B 119 -12.94 -1.33 13.52
C MET B 119 -11.60 -1.27 12.79
N PRO B 120 -11.16 -2.36 12.11
N PRO B 120 -11.15 -2.34 12.09
CA PRO B 120 -9.93 -2.26 11.32
CA PRO B 120 -9.89 -2.27 11.37
C PRO B 120 -9.99 -1.21 10.21
C PRO B 120 -9.97 -1.27 10.20
N GLY B 121 -8.86 -0.57 9.92
CA GLY B 121 -8.78 0.42 8.83
C GLY B 121 -8.12 -0.17 7.59
N GLY B 122 -7.31 0.62 6.91
CA GLY B 122 -6.68 0.14 5.67
C GLY B 122 -5.54 -0.84 5.88
N CYS B 123 -5.32 -1.72 4.90
CA CYS B 123 -4.19 -2.68 4.87
C CYS B 123 -3.46 -2.47 3.54
N THR B 124 -2.14 -2.56 3.55
CA THR B 124 -1.37 -2.27 2.33
C THR B 124 -1.59 -3.33 1.23
N ILE B 125 -1.83 -4.60 1.57
CA ILE B 125 -1.93 -5.62 0.46
C ILE B 125 -3.34 -5.66 -0.14
N GLY B 126 -4.30 -4.94 0.42
CA GLY B 126 -5.61 -4.96 -0.25
C GLY B 126 -6.74 -4.49 0.62
N SER B 127 -7.88 -4.17 -0.01
CA SER B 127 -9.09 -3.80 0.76
C SER B 127 -9.53 -5.06 1.52
N ARG B 128 -9.78 -4.93 2.81
CA ARG B 128 -10.15 -6.09 3.65
C ARG B 128 -11.33 -5.68 4.53
N PRO B 129 -12.53 -5.47 3.94
CA PRO B 129 -13.70 -5.08 4.69
C PRO B 129 -14.23 -6.28 5.50
N ILE B 130 -14.86 -5.99 6.63
CA ILE B 130 -15.32 -7.08 7.53
C ILE B 130 -16.83 -7.27 7.42
N ASP B 131 -17.47 -6.83 6.35
N ASP B 131 -17.42 -6.86 6.29
CA ASP B 131 -18.94 -7.01 6.20
CA ASP B 131 -18.87 -7.00 6.01
C ASP B 131 -19.33 -8.49 6.34
C ASP B 131 -19.33 -8.45 6.25
N LEU B 132 -18.55 -9.43 5.82
CA LEU B 132 -18.95 -10.87 5.97
C LEU B 132 -19.01 -11.25 7.46
N HIS B 133 -18.11 -10.70 8.29
CA HIS B 133 -18.17 -11.00 9.74
C HIS B 133 -19.47 -10.41 10.32
N LEU B 134 -19.70 -9.12 10.06
CA LEU B 134 -20.83 -8.43 10.71
C LEU B 134 -22.20 -8.90 10.20
N LYS B 135 -22.31 -9.16 8.89
N LYS B 135 -22.36 -9.15 8.90
CA LYS B 135 -23.58 -9.66 8.30
CA LYS B 135 -23.69 -9.63 8.42
C LYS B 135 -23.94 -11.00 8.95
C LYS B 135 -23.97 -11.04 8.96
N GLY B 136 -22.95 -11.89 9.09
CA GLY B 136 -23.20 -13.21 9.68
C GLY B 136 -23.61 -13.08 11.15
N LEU B 137 -22.97 -12.18 11.88
CA LEU B 137 -23.29 -12.01 13.32
C LEU B 137 -24.71 -11.40 13.44
N GLU B 138 -25.07 -10.48 12.55
CA GLU B 138 -26.45 -9.92 12.59
C GLU B 138 -27.47 -11.05 12.40
N ALA B 139 -27.19 -12.01 11.52
CA ALA B 139 -28.13 -13.15 11.29
C ALA B 139 -28.25 -14.01 12.56
N MET B 140 -27.27 -13.94 13.47
CA MET B 140 -27.25 -14.69 14.74
C MET B 140 -27.86 -13.87 15.89
N GLY B 141 -28.52 -12.75 15.58
CA GLY B 141 -29.17 -11.94 16.63
C GLY B 141 -28.28 -10.88 17.24
N VAL B 142 -27.14 -10.59 16.64
CA VAL B 142 -26.26 -9.52 17.18
C VAL B 142 -26.68 -8.17 16.58
N LYS B 143 -26.90 -7.19 17.45
CA LYS B 143 -27.18 -5.81 16.99
C LYS B 143 -25.83 -5.09 16.96
N ILE B 144 -25.50 -4.59 15.77
N ILE B 144 -25.52 -4.48 15.82
CA ILE B 144 -24.22 -3.90 15.49
CA ILE B 144 -24.17 -3.85 15.66
C ILE B 144 -24.45 -2.39 15.45
C ILE B 144 -24.28 -2.39 15.25
N SER B 145 -23.60 -1.68 16.17
N SER B 145 -23.58 -1.54 16.02
CA SER B 145 -23.54 -0.21 16.10
CA SER B 145 -23.47 -0.09 15.77
C SER B 145 -22.07 0.12 15.84
C SER B 145 -21.98 0.29 15.79
N GLN B 146 -21.83 1.38 15.50
N GLN B 146 -21.61 1.36 15.09
CA GLN B 146 -20.43 1.80 15.36
CA GLN B 146 -20.21 1.85 15.00
C GLN B 146 -20.36 3.17 16.00
C GLN B 146 -20.15 3.18 15.78
N THR B 147 -19.40 3.29 16.90
CA THR B 147 -19.31 4.51 17.70
C THR B 147 -17.86 4.92 17.89
N ALA B 148 -17.49 6.08 17.35
CA ALA B 148 -16.14 6.67 17.53
C ALA B 148 -15.03 5.64 17.24
N GLY B 149 -15.17 4.89 16.15
CA GLY B 149 -14.13 3.94 15.71
C GLY B 149 -14.30 2.52 16.22
N TYR B 150 -15.28 2.28 17.07
CA TYR B 150 -15.49 0.93 17.64
C TYR B 150 -16.76 0.25 17.14
N ILE B 151 -16.62 -1.04 16.82
CA ILE B 151 -17.77 -1.93 16.61
C ILE B 151 -18.38 -2.20 17.99
N GLU B 152 -19.63 -1.79 18.19
N GLU B 152 -19.63 -1.80 18.22
CA GLU B 152 -20.38 -2.06 19.43
CA GLU B 152 -20.32 -2.06 19.53
C GLU B 152 -21.36 -3.17 19.06
C GLU B 152 -21.42 -3.08 19.24
N ALA B 153 -21.21 -4.33 19.67
CA ALA B 153 -22.08 -5.49 19.35
C ALA B 153 -22.78 -6.01 20.60
N LYS B 154 -24.08 -6.26 20.48
N LYS B 154 -24.08 -6.27 20.48
CA LYS B 154 -24.87 -6.77 21.62
CA LYS B 154 -24.85 -6.77 21.64
C LYS B 154 -25.78 -7.90 21.15
C LYS B 154 -25.78 -7.89 21.16
N ALA B 155 -25.74 -9.04 21.84
CA ALA B 155 -26.64 -10.16 21.50
C ALA B 155 -27.49 -10.44 22.74
N GLU B 156 -28.77 -10.08 22.69
CA GLU B 156 -29.66 -10.34 23.84
C GLU B 156 -29.76 -11.85 24.01
N ARG B 157 -29.88 -12.57 22.89
CA ARG B 157 -29.94 -14.04 22.94
C ARG B 157 -29.35 -14.60 21.66
N LEU B 158 -28.02 -14.74 21.67
CA LEU B 158 -27.28 -15.23 20.49
C LEU B 158 -27.85 -16.56 20.02
N HIS B 159 -28.10 -16.67 18.71
CA HIS B 159 -28.74 -17.89 18.19
C HIS B 159 -28.12 -18.30 16.85
N GLY B 160 -28.43 -19.53 16.44
CA GLY B 160 -27.91 -20.02 15.17
C GLY B 160 -28.52 -19.34 13.97
N ALA B 161 -27.86 -19.49 12.84
CA ALA B 161 -28.33 -18.94 11.56
C ALA B 161 -27.82 -19.83 10.44
N HIS B 162 -28.50 -19.76 9.30
N HIS B 162 -28.54 -19.79 9.31
CA HIS B 162 -28.11 -20.49 8.06
CA HIS B 162 -28.15 -20.46 8.06
C HIS B 162 -27.53 -19.42 7.15
C HIS B 162 -27.52 -19.34 7.23
N ILE B 163 -26.19 -19.32 7.18
CA ILE B 163 -25.43 -18.23 6.50
C ILE B 163 -24.83 -18.72 5.19
N TYR B 164 -25.15 -18.02 4.09
N TYR B 164 -25.07 -17.95 4.12
CA TYR B 164 -24.41 -18.32 2.84
CA TYR B 164 -24.51 -18.22 2.76
C TYR B 164 -23.39 -17.21 2.69
C TYR B 164 -23.39 -17.21 2.52
N MET B 165 -22.12 -17.58 2.80
CA MET B 165 -20.99 -16.64 2.68
C MET B 165 -20.84 -16.18 1.21
N ASP B 166 -20.81 -14.87 0.97
CA ASP B 166 -20.59 -14.37 -0.42
C ASP B 166 -19.20 -14.81 -0.92
N PHE B 167 -18.23 -14.92 -0.01
CA PHE B 167 -16.84 -15.32 -0.31
C PHE B 167 -16.40 -16.14 0.90
N PRO B 168 -15.58 -17.19 0.71
CA PRO B 168 -15.13 -18.05 1.81
C PRO B 168 -14.02 -17.41 2.65
N SER B 169 -14.39 -16.30 3.27
CA SER B 169 -13.46 -15.53 4.13
C SER B 169 -12.91 -16.39 5.28
N VAL B 170 -11.60 -16.47 5.41
CA VAL B 170 -11.00 -17.25 6.52
C VAL B 170 -11.39 -16.63 7.87
N GLY B 171 -11.15 -15.32 8.03
CA GLY B 171 -11.46 -14.68 9.32
C GLY B 171 -12.93 -14.69 9.65
N ALA B 172 -13.79 -14.46 8.67
CA ALA B 172 -15.23 -14.46 8.97
C ALA B 172 -15.68 -15.88 9.34
N THR B 173 -15.18 -16.88 8.63
CA THR B 173 -15.55 -18.28 8.96
C THR B 173 -15.13 -18.57 10.41
N GLN B 174 -13.93 -18.17 10.81
CA GLN B 174 -13.47 -18.39 12.19
C GLN B 174 -14.35 -17.66 13.20
N ASN B 175 -14.66 -16.40 12.95
CA ASN B 175 -15.48 -15.63 13.90
C ASN B 175 -16.87 -16.27 14.06
N LEU B 176 -17.48 -16.67 12.96
CA LEU B 176 -18.86 -17.23 13.00
C LEU B 176 -18.87 -18.62 13.61
N MET B 177 -17.87 -19.44 13.30
N MET B 177 -17.86 -19.42 13.29
CA MET B 177 -17.89 -20.80 13.90
CA MET B 177 -17.75 -20.79 13.87
C MET B 177 -17.64 -20.70 15.42
C MET B 177 -17.66 -20.67 15.40
N MET B 178 -16.81 -19.75 15.88
CA MET B 178 -16.61 -19.62 17.33
C MET B 178 -17.86 -19.03 17.99
N ALA B 179 -18.48 -18.03 17.38
CA ALA B 179 -19.72 -17.48 17.98
C ALA B 179 -20.78 -18.57 18.08
N ALA B 180 -20.86 -19.45 17.08
CA ALA B 180 -21.92 -20.47 17.01
C ALA B 180 -21.78 -21.52 18.12
N THR B 181 -20.58 -21.74 18.63
CA THR B 181 -20.39 -22.83 19.62
C THR B 181 -21.28 -22.69 20.85
N LEU B 182 -21.60 -21.46 21.29
CA LEU B 182 -22.40 -21.24 22.52
C LEU B 182 -23.73 -20.57 22.17
N ALA B 183 -24.08 -20.49 20.89
CA ALA B 183 -25.37 -19.89 20.49
C ALA B 183 -26.52 -20.91 20.68
N ASP B 184 -27.75 -20.41 20.72
CA ASP B 184 -28.93 -21.31 20.75
C ASP B 184 -29.14 -21.98 19.41
N GLY B 185 -29.12 -23.31 19.39
CA GLY B 185 -29.48 -24.02 18.16
C GLY B 185 -28.34 -24.22 17.18
N VAL B 186 -28.74 -24.50 15.96
CA VAL B 186 -27.79 -24.91 14.89
C VAL B 186 -27.43 -23.74 13.98
N THR B 187 -26.14 -23.64 13.69
CA THR B 187 -25.61 -22.68 12.69
C THR B 187 -25.07 -23.49 11.50
N VAL B 188 -25.40 -23.07 10.29
CA VAL B 188 -24.80 -23.72 9.10
C VAL B 188 -24.09 -22.61 8.31
N ILE B 189 -22.81 -22.79 8.09
CA ILE B 189 -22.02 -21.83 7.27
C ILE B 189 -21.78 -22.46 5.90
N GLU B 190 -22.48 -21.95 4.88
N GLU B 190 -22.45 -21.93 4.88
CA GLU B 190 -22.33 -22.41 3.48
CA GLU B 190 -22.26 -22.44 3.51
C GLU B 190 -21.25 -21.56 2.80
C GLU B 190 -21.24 -21.55 2.80
N ASN B 191 -20.48 -22.18 1.90
CA ASN B 191 -19.35 -21.52 1.21
C ASN B 191 -18.32 -21.10 2.27
N ALA B 192 -18.10 -21.97 3.26
CA ALA B 192 -17.12 -21.72 4.33
C ALA B 192 -15.69 -21.79 3.79
N ALA B 193 -14.79 -21.06 4.45
CA ALA B 193 -13.34 -21.26 4.20
C ALA B 193 -12.96 -22.72 4.53
N ARG B 194 -12.10 -23.31 3.71
CA ARG B 194 -11.71 -24.74 3.84
C ARG B 194 -10.26 -24.88 4.31
N GLU B 195 -9.58 -23.77 4.56
CA GLU B 195 -8.12 -23.78 4.90
C GLU B 195 -7.80 -24.71 6.07
N PRO B 196 -6.57 -25.29 6.08
CA PRO B 196 -6.13 -26.15 7.19
C PRO B 196 -6.27 -25.46 8.57
N GLU B 197 -6.16 -24.15 8.62
CA GLU B 197 -6.29 -23.40 9.91
C GLU B 197 -7.74 -23.48 10.41
N ILE B 198 -8.71 -23.50 9.51
CA ILE B 198 -10.13 -23.71 9.90
C ILE B 198 -10.27 -25.11 10.52
N VAL B 199 -9.70 -26.11 9.87
CA VAL B 199 -9.76 -27.49 10.39
C VAL B 199 -9.12 -27.53 11.77
N ASP B 200 -7.97 -26.91 11.96
CA ASP B 200 -7.30 -27.01 13.28
C ASP B 200 -8.15 -26.29 14.34
N LEU B 201 -8.77 -25.17 13.99
CA LEU B 201 -9.63 -24.48 14.98
C LEU B 201 -10.82 -25.37 15.34
N ALA B 202 -11.42 -26.06 14.37
CA ALA B 202 -12.57 -26.96 14.65
C ALA B 202 -12.12 -28.10 15.56
N ILE B 203 -10.92 -28.62 15.34
CA ILE B 203 -10.38 -29.70 16.21
C ILE B 203 -10.33 -29.16 17.64
N LEU B 204 -9.74 -27.99 17.83
CA LEU B 204 -9.68 -27.42 19.20
C LEU B 204 -11.09 -27.26 19.80
N LEU B 205 -12.01 -26.70 19.03
CA LEU B 205 -13.38 -26.47 19.58
C LEU B 205 -14.00 -27.82 19.98
N ASN B 206 -13.88 -28.85 19.15
CA ASN B 206 -14.42 -30.18 19.51
C ASN B 206 -13.71 -30.75 20.74
N GLU B 207 -12.41 -30.53 20.88
CA GLU B 207 -11.68 -30.96 22.08
C GLU B 207 -12.17 -30.20 23.32
N MET B 208 -12.75 -29.02 23.14
CA MET B 208 -13.29 -28.19 24.25
C MET B 208 -14.76 -28.54 24.54
N GLY B 209 -15.31 -29.51 23.84
CA GLY B 209 -16.70 -29.91 24.10
C GLY B 209 -17.72 -29.27 23.18
N ALA B 210 -17.30 -28.65 22.08
CA ALA B 210 -18.24 -28.08 21.08
C ALA B 210 -18.75 -29.18 20.15
N LYS B 211 -19.62 -28.80 19.21
CA LYS B 211 -20.19 -29.75 18.23
C LYS B 211 -20.03 -29.12 16.85
N VAL B 212 -18.83 -29.22 16.27
CA VAL B 212 -18.51 -28.62 14.96
C VAL B 212 -18.26 -29.73 13.95
N LYS B 213 -18.96 -29.70 12.83
N LYS B 213 -18.98 -29.73 12.84
CA LYS B 213 -18.80 -30.75 11.80
CA LYS B 213 -18.74 -30.76 11.80
C LYS B 213 -18.56 -30.11 10.43
C LYS B 213 -18.57 -30.12 10.43
N GLY B 214 -17.79 -30.77 9.57
CA GLY B 214 -17.63 -30.31 8.18
C GLY B 214 -16.45 -29.40 7.92
N ALA B 215 -15.62 -29.10 8.92
CA ALA B 215 -14.47 -28.21 8.64
C ALA B 215 -13.58 -28.86 7.59
N GLY B 216 -13.18 -28.07 6.60
CA GLY B 216 -12.41 -28.58 5.45
C GLY B 216 -13.28 -28.70 4.22
N THR B 217 -14.61 -28.72 4.39
CA THR B 217 -15.59 -28.81 3.28
C THR B 217 -16.23 -27.44 3.09
N GLU B 218 -17.05 -27.28 2.06
CA GLU B 218 -17.71 -25.96 1.86
C GLU B 218 -18.83 -25.73 2.86
N THR B 219 -19.19 -26.70 3.71
CA THR B 219 -20.29 -26.49 4.67
C THR B 219 -19.90 -26.89 6.09
N ILE B 220 -19.92 -25.93 7.01
CA ILE B 220 -19.65 -26.20 8.45
C ILE B 220 -20.97 -26.14 9.21
N THR B 221 -21.23 -27.15 10.03
CA THR B 221 -22.45 -27.16 10.85
C THR B 221 -22.04 -27.13 12.33
N ILE B 222 -22.57 -26.17 13.09
CA ILE B 222 -22.25 -26.06 14.53
C ILE B 222 -23.55 -26.24 15.32
N THR B 223 -23.56 -27.13 16.29
CA THR B 223 -24.75 -27.29 17.17
C THR B 223 -24.38 -26.63 18.49
N GLY B 224 -25.06 -25.56 18.88
CA GLY B 224 -24.65 -24.87 20.10
C GLY B 224 -24.78 -25.70 21.36
N VAL B 225 -23.88 -25.44 22.31
CA VAL B 225 -23.90 -26.06 23.67
C VAL B 225 -23.90 -24.93 24.70
N GLU B 226 -24.13 -25.29 25.96
N GLU B 226 -24.09 -25.24 25.99
CA GLU B 226 -24.21 -24.34 27.09
CA GLU B 226 -24.16 -24.15 27.01
C GLU B 226 -22.83 -23.75 27.40
C GLU B 226 -22.76 -23.72 27.48
N LYS B 227 -21.80 -24.60 27.51
N LYS B 227 -21.78 -24.61 27.45
CA LYS B 227 -20.45 -24.13 27.91
CA LYS B 227 -20.45 -24.19 27.95
C LYS B 227 -19.35 -25.01 27.31
C LYS B 227 -19.36 -25.00 27.25
N LEU B 228 -18.15 -24.43 27.19
CA LEU B 228 -16.97 -25.17 26.69
C LEU B 228 -15.99 -25.31 27.85
N HIS B 229 -15.09 -26.28 27.71
CA HIS B 229 -14.07 -26.62 28.74
C HIS B 229 -12.68 -26.42 28.13
N GLY B 230 -11.70 -26.05 28.95
CA GLY B 230 -10.33 -25.91 28.45
C GLY B 230 -9.77 -27.24 28.01
N THR B 231 -8.73 -27.21 27.18
CA THR B 231 -8.10 -28.47 26.72
C THR B 231 -6.65 -28.16 26.38
N THR B 232 -5.89 -29.18 25.98
CA THR B 232 -4.49 -29.03 25.55
C THR B 232 -4.44 -29.39 24.07
N HIS B 233 -3.76 -28.59 23.27
CA HIS B 233 -3.77 -28.74 21.80
C HIS B 233 -2.46 -28.28 21.18
N ASN B 234 -1.92 -29.12 20.29
CA ASN B 234 -0.73 -28.74 19.49
C ASN B 234 -1.15 -27.92 18.28
N VAL B 235 -0.60 -26.71 18.14
CA VAL B 235 -0.84 -25.91 16.92
C VAL B 235 -0.31 -26.68 15.69
N VAL B 236 -1.11 -26.73 14.63
CA VAL B 236 -0.67 -27.35 13.35
C VAL B 236 0.59 -26.64 12.84
N GLN B 237 1.45 -27.38 12.15
CA GLN B 237 2.66 -26.80 11.53
C GLN B 237 2.29 -25.68 10.56
N ASP B 238 3.14 -24.66 10.49
CA ASP B 238 2.99 -23.52 9.55
C ASP B 238 3.26 -24.01 8.12
N ARG B 239 2.21 -24.22 7.34
CA ARG B 239 2.37 -24.70 5.95
C ARG B 239 2.97 -23.59 5.07
N ILE B 240 2.86 -22.32 5.46
CA ILE B 240 3.46 -21.23 4.63
C ILE B 240 4.95 -21.15 4.90
N GLU B 241 5.39 -21.31 6.14
CA GLU B 241 6.84 -21.36 6.39
C GLU B 241 7.38 -22.62 5.70
N ALA B 242 6.70 -23.77 5.84
CA ALA B 242 7.16 -25.01 5.17
C ALA B 242 7.29 -24.75 3.67
N GLY B 243 6.25 -24.18 3.05
CA GLY B 243 6.26 -23.94 1.60
C GLY B 243 7.34 -22.97 1.19
N THR B 244 7.65 -22.01 2.05
CA THR B 244 8.71 -21.03 1.77
C THR B 244 10.05 -21.74 1.65
N PHE B 245 10.32 -22.70 2.53
CA PHE B 245 11.59 -23.48 2.40
C PHE B 245 11.53 -24.43 1.21
N MET B 246 10.38 -24.96 0.85
CA MET B 246 10.29 -25.78 -0.38
C MET B 246 10.67 -24.92 -1.59
N VAL B 247 10.17 -23.68 -1.66
CA VAL B 247 10.49 -22.76 -2.78
C VAL B 247 11.98 -22.41 -2.72
N ALA B 248 12.52 -22.15 -1.54
CA ALA B 248 13.97 -21.82 -1.41
C ALA B 248 14.83 -22.96 -1.96
N ALA B 249 14.50 -24.19 -1.59
CA ALA B 249 15.25 -25.36 -2.10
C ALA B 249 15.15 -25.41 -3.62
N ALA B 250 13.95 -25.25 -4.15
CA ALA B 250 13.76 -25.34 -5.61
C ALA B 250 14.55 -24.28 -6.37
N MET B 251 14.56 -23.05 -5.89
N MET B 251 14.53 -23.05 -5.86
CA MET B 251 15.16 -21.99 -6.72
CA MET B 251 15.19 -21.86 -6.49
C MET B 251 16.70 -21.94 -6.57
C MET B 251 16.70 -22.01 -6.59
N THR B 252 17.28 -22.71 -5.63
CA THR B 252 18.75 -22.78 -5.47
C THR B 252 19.29 -24.11 -5.96
N GLY B 253 18.46 -24.98 -6.55
CA GLY B 253 18.95 -26.30 -6.98
C GLY B 253 19.42 -27.11 -5.79
N GLY B 254 18.71 -26.98 -4.68
CA GLY B 254 19.10 -27.61 -3.41
C GLY B 254 18.51 -28.98 -3.17
N ASP B 255 18.65 -29.41 -1.92
CA ASP B 255 18.22 -30.72 -1.42
C ASP B 255 17.90 -30.51 0.05
N VAL B 256 16.63 -30.22 0.33
CA VAL B 256 16.23 -29.83 1.71
C VAL B 256 15.10 -30.72 2.20
N LEU B 257 15.28 -31.24 3.41
CA LEU B 257 14.19 -32.00 4.09
C LEU B 257 13.43 -31.02 4.98
N ILE B 258 12.16 -30.78 4.63
N ILE B 258 12.14 -30.82 4.65
CA ILE B 258 11.31 -29.92 5.50
CA ILE B 258 11.20 -29.98 5.45
C ILE B 258 10.67 -30.86 6.52
C ILE B 258 10.65 -30.90 6.54
N ARG B 259 11.19 -30.81 7.75
CA ARG B 259 10.81 -31.79 8.80
C ARG B 259 9.31 -31.80 9.10
N ASP B 260 8.74 -33.01 9.09
CA ASP B 260 7.34 -33.25 9.52
C ASP B 260 6.33 -32.43 8.70
N ALA B 261 6.67 -32.02 7.50
CA ALA B 261 5.72 -31.25 6.67
C ALA B 261 4.49 -32.12 6.34
N VAL B 262 3.33 -31.49 6.27
CA VAL B 262 2.06 -32.22 6.01
C VAL B 262 1.74 -32.12 4.53
N TRP B 263 1.82 -33.25 3.85
CA TRP B 263 1.60 -33.27 2.38
C TRP B 263 0.24 -32.67 2.01
N GLU B 264 -0.78 -33.07 2.74
CA GLU B 264 -2.16 -32.65 2.42
C GLU B 264 -2.35 -31.14 2.58
N HIS B 265 -1.53 -30.46 3.37
CA HIS B 265 -1.68 -29.00 3.52
C HIS B 265 -0.97 -28.23 2.41
N ASN B 266 0.07 -28.91 1.91
N ASN B 266 -0.25 -28.86 1.49
CA ASN B 266 1.05 -28.40 0.90
CA ASN B 266 0.39 -28.05 0.41
C ASN B 266 0.66 -28.81 -0.53
C ASN B 266 0.16 -28.76 -0.93
N ARG B 267 -0.47 -29.49 -0.78
N ARG B 267 -1.00 -29.38 -1.10
CA ARG B 267 -0.91 -30.02 -2.12
CA ARG B 267 -1.19 -30.15 -2.35
C ARG B 267 -0.80 -29.09 -3.34
C ARG B 267 -1.02 -29.22 -3.53
N PRO B 268 -1.56 -27.96 -3.52
CA PRO B 268 -1.47 -27.16 -4.73
C PRO B 268 -0.07 -26.58 -4.98
N LEU B 269 0.66 -26.32 -3.87
CA LEU B 269 2.07 -25.86 -4.07
C LEU B 269 2.90 -27.02 -4.61
N ILE B 270 2.80 -28.18 -3.96
CA ILE B 270 3.58 -29.37 -4.39
C ILE B 270 3.24 -29.74 -5.84
N ALA B 271 1.95 -29.75 -6.20
CA ALA B 271 1.60 -30.11 -7.59
C ALA B 271 2.25 -29.14 -8.59
N LYS B 272 2.27 -27.82 -8.27
N LYS B 272 2.26 -27.86 -8.24
CA LYS B 272 2.88 -26.82 -9.20
CA LYS B 272 2.86 -26.87 -9.17
C LYS B 272 4.42 -26.96 -9.21
C LYS B 272 4.38 -27.07 -9.23
N LEU B 273 5.03 -27.32 -8.09
CA LEU B 273 6.49 -27.58 -8.08
C LEU B 273 6.79 -28.80 -8.97
N LEU B 274 6.00 -29.87 -8.85
CA LEU B 274 6.19 -31.07 -9.69
C LEU B 274 6.00 -30.71 -11.18
N GLU B 275 4.99 -29.90 -11.48
CA GLU B 275 4.75 -29.51 -12.89
C GLU B 275 5.96 -28.74 -13.42
N MET B 276 6.57 -27.90 -12.58
CA MET B 276 7.73 -27.07 -12.98
C MET B 276 8.96 -27.94 -13.23
N GLY B 277 9.04 -29.12 -12.63
CA GLY B 277 10.21 -30.00 -12.80
C GLY B 277 10.99 -30.19 -11.50
N VAL B 278 10.48 -29.66 -10.40
CA VAL B 278 11.11 -29.86 -9.07
C VAL B 278 10.78 -31.29 -8.60
N GLU B 279 11.70 -31.91 -7.87
CA GLU B 279 11.40 -33.25 -7.30
C GLU B 279 10.92 -33.05 -5.85
N VAL B 280 9.80 -33.67 -5.50
CA VAL B 280 9.21 -33.56 -4.14
C VAL B 280 8.93 -34.98 -3.67
N ILE B 281 9.58 -35.39 -2.59
CA ILE B 281 9.55 -36.80 -2.12
C ILE B 281 9.02 -36.85 -0.69
N GLU B 282 7.97 -37.61 -0.47
CA GLU B 282 7.47 -37.85 0.89
C GLU B 282 8.38 -38.90 1.57
N GLU B 283 9.01 -38.54 2.68
CA GLU B 283 9.91 -39.45 3.41
C GLU B 283 9.42 -39.61 4.86
N ASP B 284 10.02 -40.53 5.59
CA ASP B 284 9.59 -40.74 6.99
C ASP B 284 9.77 -39.48 7.85
N GLU B 285 10.82 -38.70 7.65
CA GLU B 285 11.10 -37.57 8.56
C GLU B 285 10.54 -36.25 8.03
N GLY B 286 10.00 -36.24 6.82
CA GLY B 286 9.48 -34.98 6.26
C GLY B 286 9.37 -35.02 4.77
N ILE B 287 9.18 -33.86 4.16
CA ILE B 287 9.06 -33.77 2.69
C ILE B 287 10.38 -33.24 2.14
N ARG B 288 11.01 -34.00 1.26
CA ARG B 288 12.28 -33.55 0.63
C ARG B 288 12.02 -32.84 -0.70
N VAL B 289 12.63 -31.69 -0.86
CA VAL B 289 12.56 -30.94 -2.13
C VAL B 289 13.96 -30.84 -2.72
N ARG B 290 14.08 -31.28 -3.97
N ARG B 290 14.09 -31.22 -3.98
CA ARG B 290 15.35 -31.25 -4.73
CA ARG B 290 15.41 -31.15 -4.65
C ARG B 290 15.09 -30.63 -6.10
C ARG B 290 15.18 -30.76 -6.10
N SER B 291 16.08 -29.94 -6.64
CA SER B 291 15.89 -29.53 -8.04
C SER B 291 17.22 -29.43 -8.76
N GLN B 292 17.11 -29.61 -10.07
N GLN B 292 17.16 -29.61 -10.08
CA GLN B 292 18.20 -29.34 -11.05
CA GLN B 292 18.28 -29.32 -11.00
C GLN B 292 17.77 -28.02 -11.71
C GLN B 292 17.82 -28.06 -11.74
N LEU B 293 18.55 -26.96 -11.58
CA LEU B 293 18.11 -25.65 -12.11
C LEU B 293 17.75 -25.71 -13.60
N GLU B 294 18.47 -26.50 -14.39
CA GLU B 294 18.20 -26.55 -15.86
C GLU B 294 16.87 -27.24 -16.17
N ASN B 295 16.24 -27.89 -15.19
CA ASN B 295 14.98 -28.62 -15.45
C ASN B 295 13.76 -27.75 -15.12
N LEU B 296 13.97 -26.57 -14.55
CA LEU B 296 12.81 -25.74 -14.11
C LEU B 296 12.16 -25.06 -15.32
N LYS B 297 10.85 -25.28 -15.46
CA LYS B 297 10.07 -24.74 -16.58
C LYS B 297 9.00 -23.78 -16.06
N ALA B 298 8.73 -22.74 -16.83
CA ALA B 298 7.72 -21.75 -16.48
C ALA B 298 6.36 -22.41 -16.29
N VAL B 299 5.53 -21.82 -15.45
CA VAL B 299 4.17 -22.35 -15.18
C VAL B 299 3.22 -21.16 -14.99
N HIS B 300 1.94 -21.49 -15.00
N HIS B 300 1.93 -21.48 -14.98
CA HIS B 300 0.86 -20.54 -14.68
CA HIS B 300 0.83 -20.52 -14.71
C HIS B 300 0.36 -20.90 -13.27
C HIS B 300 0.21 -20.87 -13.36
N VAL B 301 0.13 -19.89 -12.45
CA VAL B 301 -0.46 -20.10 -11.11
C VAL B 301 -1.60 -19.11 -10.94
N LYS B 302 -2.68 -19.55 -10.31
CA LYS B 302 -3.78 -18.65 -9.92
C LYS B 302 -4.04 -18.85 -8.42
N THR B 303 -3.89 -17.82 -7.62
CA THR B 303 -4.26 -17.96 -6.19
C THR B 303 -5.77 -18.08 -6.08
N LEU B 304 -6.20 -18.93 -5.16
CA LEU B 304 -7.64 -19.19 -4.93
C LEU B 304 -7.81 -19.61 -3.49
N PRO B 305 -9.04 -19.48 -2.96
CA PRO B 305 -9.34 -20.05 -1.65
C PRO B 305 -8.93 -21.54 -1.61
N HIS B 306 -8.49 -22.01 -0.45
CA HIS B 306 -8.12 -23.44 -0.30
C HIS B 306 -9.30 -24.27 -0.80
N PRO B 307 -9.11 -25.41 -1.50
CA PRO B 307 -7.82 -26.06 -1.78
C PRO B 307 -7.02 -25.58 -2.99
N GLY B 308 -7.36 -24.40 -3.50
CA GLY B 308 -6.57 -23.76 -4.56
C GLY B 308 -5.23 -23.28 -4.02
N PHE B 309 -4.42 -22.74 -4.92
CA PHE B 309 -3.06 -22.30 -4.58
C PHE B 309 -3.15 -21.15 -3.57
N PRO B 310 -2.41 -21.21 -2.46
CA PRO B 310 -2.55 -20.20 -1.42
C PRO B 310 -1.93 -18.85 -1.75
N THR B 311 -2.70 -17.78 -1.56
CA THR B 311 -2.16 -16.41 -1.74
C THR B 311 -0.94 -16.18 -0.83
N ASP B 312 -0.91 -16.81 0.35
CA ASP B 312 0.24 -16.60 1.26
C ASP B 312 1.53 -17.23 0.74
N MET B 313 1.47 -18.01 -0.34
CA MET B 313 2.70 -18.53 -1.02
C MET B 313 3.01 -17.75 -2.30
N GLN B 314 2.15 -16.82 -2.73
CA GLN B 314 2.31 -16.18 -4.05
C GLN B 314 3.62 -15.44 -4.21
N ALA B 315 3.97 -14.56 -3.27
CA ALA B 315 5.16 -13.72 -3.48
C ALA B 315 6.40 -14.61 -3.57
N GLN B 316 6.53 -15.55 -2.65
CA GLN B 316 7.65 -16.49 -2.65
C GLN B 316 7.70 -17.26 -3.99
N PHE B 317 6.55 -17.70 -4.49
CA PHE B 317 6.53 -18.47 -5.76
C PHE B 317 6.96 -17.57 -6.91
N THR B 318 6.60 -16.29 -6.91
CA THR B 318 7.07 -15.40 -8.01
C THR B 318 8.61 -15.30 -8.00
N ALA B 319 9.24 -15.40 -6.82
CA ALA B 319 10.72 -15.39 -6.78
C ALA B 319 11.25 -16.64 -7.51
N LEU B 320 10.60 -17.78 -7.31
CA LEU B 320 11.01 -19.02 -8.04
C LEU B 320 10.75 -18.86 -9.54
N MET B 321 9.69 -18.17 -9.93
CA MET B 321 9.39 -17.97 -11.37
C MET B 321 10.55 -17.19 -12.03
N THR B 322 11.30 -16.40 -11.27
CA THR B 322 12.42 -15.64 -11.88
C THR B 322 13.51 -16.60 -12.37
N VAL B 323 13.60 -17.83 -11.87
CA VAL B 323 14.74 -18.68 -12.30
C VAL B 323 14.28 -19.80 -13.25
N ALA B 324 12.98 -19.96 -13.47
CA ALA B 324 12.50 -21.02 -14.38
C ALA B 324 12.70 -20.59 -15.84
N LYS B 325 12.68 -21.55 -16.76
N LYS B 325 12.68 -21.55 -16.76
CA LYS B 325 12.86 -21.22 -18.19
CA LYS B 325 12.89 -21.25 -18.20
C LYS B 325 11.51 -20.94 -18.83
C LYS B 325 11.53 -20.95 -18.86
N GLY B 326 11.39 -19.78 -19.47
CA GLY B 326 10.15 -19.36 -20.14
C GLY B 326 9.43 -18.28 -19.38
N GLU B 327 8.24 -17.94 -19.86
CA GLU B 327 7.44 -16.86 -19.24
C GLU B 327 6.38 -17.47 -18.32
N SER B 328 6.51 -17.20 -17.02
CA SER B 328 5.51 -17.65 -16.04
C SER B 328 4.43 -16.58 -15.88
N THR B 329 3.27 -17.01 -15.39
CA THR B 329 2.14 -16.09 -15.12
C THR B 329 1.61 -16.36 -13.72
N MET B 330 1.49 -15.31 -12.93
CA MET B 330 0.90 -15.38 -11.57
C MET B 330 -0.37 -14.53 -11.53
N VAL B 331 -1.52 -15.15 -11.28
CA VAL B 331 -2.79 -14.42 -11.15
C VAL B 331 -3.16 -14.40 -9.66
N GLU B 332 -3.18 -13.21 -9.07
CA GLU B 332 -3.53 -13.06 -7.62
C GLU B 332 -5.00 -12.64 -7.53
N THR B 333 -5.88 -13.56 -7.17
CA THR B 333 -7.33 -13.23 -7.13
C THR B 333 -7.82 -12.88 -5.72
N VAL B 334 -7.03 -13.14 -4.67
CA VAL B 334 -7.55 -13.00 -3.29
C VAL B 334 -7.34 -11.58 -2.76
N PHE B 335 -6.20 -10.99 -3.03
CA PHE B 335 -5.86 -9.61 -2.57
C PHE B 335 -5.63 -8.75 -3.79
N GLU B 336 -5.96 -7.45 -3.69
CA GLU B 336 -5.86 -6.56 -4.87
C GLU B 336 -4.49 -5.87 -5.04
N ASN B 337 -3.67 -5.74 -3.96
N ASN B 337 -3.67 -5.82 -4.01
CA ASN B 337 -2.38 -5.00 -3.98
CA ASN B 337 -2.40 -5.07 -4.18
C ASN B 337 -1.26 -5.89 -3.41
C ASN B 337 -1.27 -5.86 -3.50
N ARG B 338 -1.07 -7.10 -3.99
CA ARG B 338 -0.07 -8.02 -3.42
C ARG B 338 1.05 -8.32 -4.42
N PHE B 339 1.41 -7.34 -5.25
CA PHE B 339 2.56 -7.50 -6.16
C PHE B 339 3.62 -6.44 -5.84
N GLN B 340 3.58 -5.84 -4.65
CA GLN B 340 4.54 -4.75 -4.30
C GLN B 340 5.99 -5.26 -4.31
N HIS B 341 6.22 -6.52 -3.99
CA HIS B 341 7.60 -7.06 -4.02
C HIS B 341 8.17 -6.99 -5.44
N LEU B 342 7.34 -7.20 -6.46
CA LEU B 342 7.87 -7.18 -7.86
C LEU B 342 8.35 -5.78 -8.22
N GLU B 343 7.79 -4.74 -7.59
N GLU B 343 7.61 -4.76 -7.76
CA GLU B 343 8.28 -3.36 -7.88
CA GLU B 343 7.96 -3.36 -8.03
C GLU B 343 9.64 -3.17 -7.19
C GLU B 343 9.35 -3.12 -7.44
N GLU B 344 9.83 -3.67 -5.97
N GLU B 344 9.56 -3.61 -6.23
CA GLU B 344 11.18 -3.57 -5.33
CA GLU B 344 10.86 -3.44 -5.53
C GLU B 344 12.16 -4.44 -6.11
C GLU B 344 11.95 -4.26 -6.26
N MET B 345 11.67 -5.50 -6.71
CA MET B 345 12.60 -6.42 -7.43
C MET B 345 13.10 -5.78 -8.74
N ARG B 346 12.43 -4.74 -9.23
N ARG B 346 12.41 -4.73 -9.21
CA ARG B 346 12.98 -4.04 -10.42
CA ARG B 346 12.93 -3.99 -10.39
C ARG B 346 14.35 -3.44 -10.05
C ARG B 346 14.33 -3.47 -10.04
N ARG B 347 14.56 -3.16 -8.76
CA ARG B 347 15.88 -2.62 -8.32
C ARG B 347 16.97 -3.69 -8.48
N MET B 348 16.58 -4.97 -8.52
CA MET B 348 17.54 -6.10 -8.67
C MET B 348 17.65 -6.44 -10.16
N GLY B 349 17.02 -5.67 -11.05
CA GLY B 349 17.08 -5.93 -12.51
C GLY B 349 15.92 -6.77 -13.04
N LEU B 350 14.92 -7.09 -12.21
CA LEU B 350 13.80 -7.92 -12.72
C LEU B 350 12.76 -7.11 -13.47
N HIS B 351 12.56 -7.45 -14.72
N HIS B 351 12.55 -7.45 -14.73
CA HIS B 351 11.46 -6.86 -15.52
CA HIS B 351 11.46 -6.83 -15.52
C HIS B 351 10.23 -7.77 -15.36
C HIS B 351 10.23 -7.74 -15.45
N SER B 352 9.10 -7.19 -15.02
CA SER B 352 7.82 -7.93 -14.94
C SER B 352 6.74 -7.06 -15.56
N GLU B 353 5.71 -7.70 -16.11
N GLU B 353 5.69 -7.68 -16.10
CA GLU B 353 4.54 -6.99 -16.70
CA GLU B 353 4.55 -6.95 -16.73
C GLU B 353 3.35 -7.27 -15.79
C GLU B 353 3.29 -7.24 -15.91
N ILE B 354 2.83 -6.22 -15.16
CA ILE B 354 1.67 -6.36 -14.23
C ILE B 354 0.47 -5.62 -14.81
N ILE B 355 -0.59 -6.37 -15.12
CA ILE B 355 -1.88 -5.82 -15.65
C ILE B 355 -2.96 -6.29 -14.66
N ARG B 356 -3.47 -5.38 -13.86
CA ARG B 356 -4.55 -5.72 -12.90
C ARG B 356 -4.09 -6.86 -11.97
N ASP B 357 -4.75 -8.01 -12.00
CA ASP B 357 -4.43 -9.12 -11.06
C ASP B 357 -3.38 -10.08 -11.62
N THR B 358 -2.76 -9.76 -12.75
CA THR B 358 -1.87 -10.73 -13.44
C THR B 358 -0.44 -10.18 -13.60
N ALA B 359 0.54 -10.96 -13.18
CA ALA B 359 1.96 -10.63 -13.36
C ALA B 359 2.58 -11.66 -14.32
N ARG B 360 3.28 -11.18 -15.33
CA ARG B 360 4.03 -12.06 -16.28
C ARG B 360 5.53 -11.86 -16.01
N ILE B 361 6.23 -12.96 -15.85
CA ILE B 361 7.67 -12.91 -15.47
C ILE B 361 8.45 -13.85 -16.38
N VAL B 362 9.35 -13.29 -17.18
CA VAL B 362 10.24 -14.12 -18.02
C VAL B 362 11.40 -14.59 -17.13
N GLY B 363 11.61 -15.90 -17.04
CA GLY B 363 12.70 -16.42 -16.20
C GLY B 363 14.07 -16.23 -16.83
N GLY B 364 15.11 -16.36 -16.03
CA GLY B 364 16.50 -16.33 -16.54
C GLY B 364 17.10 -14.95 -16.69
N GLN B 365 16.41 -13.89 -16.30
CA GLN B 365 17.02 -12.54 -16.37
C GLN B 365 18.20 -12.47 -15.40
N PRO B 366 19.34 -11.82 -15.73
N PRO B 366 19.23 -11.70 -15.81
CA PRO B 366 20.50 -11.80 -14.83
CA PRO B 366 20.40 -11.51 -14.98
C PRO B 366 20.43 -10.74 -13.70
C PRO B 366 19.95 -10.61 -13.84
N LEU B 367 19.81 -11.13 -12.60
N LEU B 367 20.09 -11.10 -12.61
CA LEU B 367 19.57 -10.21 -11.46
CA LEU B 367 19.69 -10.28 -11.44
C LEU B 367 20.84 -9.91 -10.66
C LEU B 367 20.94 -9.88 -10.68
N GLN B 368 20.88 -8.71 -10.05
CA GLN B 368 22.00 -8.25 -9.20
C GLN B 368 21.46 -7.86 -7.82
N GLY B 369 22.27 -8.04 -6.81
CA GLY B 369 21.89 -7.62 -5.45
C GLY B 369 21.77 -6.10 -5.35
N ALA B 370 20.83 -5.66 -4.54
CA ALA B 370 20.63 -4.22 -4.32
C ALA B 370 20.01 -4.01 -2.94
N GLU B 371 19.98 -2.77 -2.51
N GLU B 371 20.02 -2.76 -2.48
CA GLU B 371 19.34 -2.39 -1.23
CA GLU B 371 19.33 -2.40 -1.22
C GLU B 371 17.83 -2.31 -1.49
C GLU B 371 17.84 -2.37 -1.53
N VAL B 372 17.04 -3.11 -0.77
CA VAL B 372 15.57 -3.16 -1.02
C VAL B 372 14.83 -3.11 0.32
N LEU B 373 13.57 -2.70 0.24
CA LEU B 373 12.74 -2.55 1.46
C LEU B 373 11.51 -3.44 1.38
N SER B 374 11.27 -4.15 2.47
CA SER B 374 10.07 -5.00 2.62
C SER B 374 8.81 -4.13 2.73
N THR B 375 7.71 -4.55 2.10
CA THR B 375 6.41 -3.82 2.17
C THR B 375 5.40 -4.58 3.03
N ASP B 376 5.64 -5.88 3.20
CA ASP B 376 4.69 -6.77 3.89
C ASP B 376 5.42 -8.09 4.19
N LEU B 377 4.79 -8.92 5.02
CA LEU B 377 5.39 -10.17 5.52
C LEU B 377 5.93 -11.07 4.39
N ARG B 378 5.07 -11.52 3.47
CA ARG B 378 5.54 -12.50 2.45
C ARG B 378 6.45 -11.82 1.43
N ALA B 379 6.26 -10.54 1.17
CA ALA B 379 7.17 -9.80 0.28
C ALA B 379 8.59 -9.83 0.84
N SER B 380 8.71 -9.68 2.16
CA SER B 380 10.05 -9.69 2.79
C SER B 380 10.73 -11.03 2.50
N ALA B 381 10.02 -12.14 2.69
CA ALA B 381 10.61 -13.45 2.40
C ALA B 381 10.98 -13.53 0.91
N ALA B 382 10.11 -13.05 0.03
CA ALA B 382 10.40 -13.12 -1.43
C ALA B 382 11.67 -12.33 -1.77
N LEU B 383 11.89 -11.17 -1.15
CA LEU B 383 13.10 -10.38 -1.45
C LEU B 383 14.34 -11.14 -0.97
N ILE B 384 14.28 -11.73 0.21
CA ILE B 384 15.45 -12.50 0.74
C ILE B 384 15.74 -13.70 -0.17
N LEU B 385 14.69 -14.40 -0.60
CA LEU B 385 14.90 -15.57 -1.49
C LEU B 385 15.55 -15.10 -2.80
N THR B 386 15.07 -13.99 -3.36
CA THR B 386 15.65 -13.49 -4.63
C THR B 386 17.13 -13.12 -4.38
N GLY B 387 17.43 -12.57 -3.20
CA GLY B 387 18.82 -12.24 -2.86
C GLY B 387 19.71 -13.48 -2.91
N LEU B 388 19.17 -14.66 -2.61
CA LEU B 388 19.99 -15.88 -2.64
C LEU B 388 20.52 -16.14 -4.06
N VAL B 389 19.75 -15.78 -5.08
CA VAL B 389 20.11 -16.17 -6.48
C VAL B 389 20.63 -15.00 -7.30
N ALA B 390 20.52 -13.76 -6.84
CA ALA B 390 21.04 -12.61 -7.60
C ALA B 390 22.56 -12.56 -7.43
N GLN B 391 23.27 -11.92 -8.37
N GLN B 391 23.24 -11.89 -8.36
CA GLN B 391 24.75 -11.83 -8.26
CA GLN B 391 24.72 -11.71 -8.31
C GLN B 391 25.11 -10.56 -7.47
C GLN B 391 25.05 -10.52 -7.41
N GLY B 392 25.93 -10.71 -6.42
CA GLY B 392 26.33 -9.57 -5.57
C GLY B 392 25.60 -9.56 -4.24
N GLU B 393 25.62 -8.43 -3.55
CA GLU B 393 25.06 -8.34 -2.19
C GLU B 393 23.68 -7.68 -2.18
N THR B 394 22.72 -8.35 -1.56
CA THR B 394 21.36 -7.80 -1.37
C THR B 394 21.23 -7.42 0.09
N VAL B 395 20.65 -6.25 0.35
CA VAL B 395 20.40 -5.79 1.74
C VAL B 395 18.89 -5.57 1.85
N VAL B 396 18.25 -6.31 2.75
CA VAL B 396 16.78 -6.23 2.91
C VAL B 396 16.45 -5.53 4.23
N GLY B 397 15.67 -4.47 4.14
CA GLY B 397 15.27 -3.72 5.34
C GLY B 397 13.78 -3.81 5.63
N LYS B 398 13.34 -3.04 6.63
N LYS B 398 13.36 -3.04 6.63
CA LYS B 398 11.93 -3.03 7.12
CA LYS B 398 11.97 -2.99 7.16
C LYS B 398 11.57 -4.45 7.56
C LYS B 398 11.57 -4.42 7.57
N LEU B 399 12.41 -5.04 8.40
CA LEU B 399 12.19 -6.43 8.87
C LEU B 399 11.04 -6.52 9.88
N VAL B 400 10.45 -5.42 10.32
CA VAL B 400 9.26 -5.53 11.21
C VAL B 400 8.24 -6.46 10.53
N HIS B 401 8.16 -6.42 9.19
CA HIS B 401 7.17 -7.25 8.46
C HIS B 401 7.53 -8.74 8.56
N LEU B 402 8.78 -9.07 8.31
CA LEU B 402 9.23 -10.48 8.37
C LEU B 402 8.98 -11.06 9.78
N ASP B 403 9.26 -10.28 10.82
CA ASP B 403 9.20 -10.76 12.22
C ASP B 403 7.76 -11.10 12.65
N ARG B 404 6.76 -10.73 11.85
N ARG B 404 6.77 -10.71 11.85
CA ARG B 404 5.36 -11.08 12.21
CA ARG B 404 5.36 -11.07 12.17
C ARG B 404 5.07 -12.55 11.87
C ARG B 404 5.11 -12.55 11.91
N GLY B 405 5.84 -13.15 10.95
CA GLY B 405 5.51 -14.53 10.53
C GLY B 405 6.64 -15.51 10.38
N TYR B 406 7.89 -15.08 10.49
CA TYR B 406 9.00 -16.04 10.41
C TYR B 406 9.86 -15.91 11.67
N TYR B 407 10.13 -17.03 12.32
CA TYR B 407 11.10 -17.03 13.43
C TYR B 407 12.46 -17.50 12.91
N GLY B 408 13.50 -16.71 13.19
CA GLY B 408 14.88 -17.11 12.85
C GLY B 408 15.09 -17.46 11.39
N PHE B 409 14.45 -16.73 10.47
CA PHE B 409 14.54 -17.08 9.03
C PHE B 409 15.99 -17.09 8.54
N HIS B 410 16.76 -16.07 8.90
CA HIS B 410 18.16 -15.98 8.42
C HIS B 410 18.99 -17.13 9.01
N GLU B 411 18.75 -17.51 10.27
CA GLU B 411 19.50 -18.62 10.91
C GLU B 411 19.18 -19.93 10.20
N LYS B 412 17.91 -20.16 9.89
CA LYS B 412 17.52 -21.42 9.23
C LYS B 412 18.16 -21.48 7.84
N LEU B 413 18.15 -20.36 7.11
CA LEU B 413 18.79 -20.37 5.77
C LEU B 413 20.31 -20.56 5.90
N ALA B 414 20.93 -19.90 6.88
CA ALA B 414 22.39 -20.05 7.04
C ALA B 414 22.76 -21.51 7.34
N GLN B 415 21.95 -22.22 8.14
N GLN B 415 21.95 -22.18 8.16
CA GLN B 415 22.30 -23.62 8.50
CA GLN B 415 22.20 -23.58 8.53
C GLN B 415 22.10 -24.55 7.29
C GLN B 415 22.19 -24.45 7.26
N LEU B 416 21.37 -24.09 6.26
CA LEU B 416 21.25 -24.85 5.00
C LEU B 416 22.36 -24.46 4.03
N GLY B 417 23.24 -23.53 4.41
CA GLY B 417 24.38 -23.17 3.56
C GLY B 417 24.32 -21.78 2.95
N ALA B 418 23.26 -21.01 3.19
CA ALA B 418 23.18 -19.66 2.59
C ALA B 418 24.19 -18.70 3.23
N LYS B 419 24.75 -17.82 2.41
CA LYS B 419 25.64 -16.74 2.86
C LYS B 419 24.72 -15.59 3.24
N ILE B 420 24.25 -15.60 4.47
CA ILE B 420 23.23 -14.63 4.94
C ILE B 420 23.50 -14.26 6.39
N GLN B 421 23.36 -12.97 6.70
N GLN B 421 23.33 -12.98 6.72
CA GLN B 421 23.57 -12.42 8.06
CA GLN B 421 23.48 -12.54 8.12
C GLN B 421 22.46 -11.44 8.43
C GLN B 421 22.37 -11.55 8.42
N ARG B 422 22.07 -11.39 9.71
CA ARG B 422 21.13 -10.36 10.20
C ARG B 422 21.99 -9.41 11.04
N ILE B 423 22.13 -8.17 10.58
CA ILE B 423 23.02 -7.16 11.24
C ILE B 423 22.15 -6.21 12.07
N GLU B 424 22.53 -5.99 13.33
CA GLU B 424 21.81 -5.08 14.26
C GLU B 424 22.39 -3.67 14.14
C1 0V5 C . 5.65 5.59 -2.24
O1 0V5 C . 6.89 5.48 -2.18
O2' 0V5 C . 4.84 5.01 -1.48
C2 0V5 C . 5.07 6.50 -3.34
C3 0V5 C . 4.12 7.50 -2.74
O2 0V5 C . 6.14 7.18 -4.00
P 0V5 C . 7.11 8.26 -3.26
O1P 0V5 C . 8.54 7.86 -3.61
O2P 0V5 C . 6.82 8.13 -1.77
O3P 0V5 C . 6.72 9.62 -3.82
C1 CIT D . 1.66 10.24 -4.14
C1 CIT D . 0.27 13.69 -5.78
O1 CIT D . 2.73 9.77 -4.58
O1 CIT D . -0.91 13.72 -5.43
O2 CIT D . 1.16 9.95 -3.03
O2 CIT D . 0.99 14.71 -5.87
C2 CIT D . 0.93 11.24 -5.02
C2 CIT D . 0.89 12.34 -6.11
C3 CIT D . 1.85 11.90 -6.06
C3 CIT D . 2.38 12.38 -6.43
O7 CIT D . 2.24 10.92 -7.01
O7 CIT D . 2.80 11.12 -6.94
C4 CIT D . 1.09 13.02 -6.79
C4 CIT D . 2.60 13.44 -7.51
C5 CIT D . 0.33 14.00 -5.91
C5 CIT D . 2.02 13.10 -8.86
O3 CIT D . 0.81 15.13 -5.71
O3 CIT D . 2.20 11.94 -9.30
O4 CIT D . -0.76 13.63 -5.47
O4 CIT D . 1.38 13.99 -9.49
C6 CIT D . 3.08 12.48 -5.35
C6 CIT D . 3.17 12.71 -5.14
O5 CIT D . 4.20 12.05 -5.68
O5 CIT D . 4.33 13.14 -5.25
O6 CIT D . 2.88 13.34 -4.46
O6 CIT D . 2.58 12.49 -4.05
CL CL E . 20.35 1.98 -5.58
C1 0V5 F . -1.80 -3.69 6.98
O1 0V5 F . -0.98 -3.19 6.20
O2' 0V5 F . -2.30 -3.13 7.96
C2 0V5 F . -2.21 -5.15 6.72
C3 0V5 F . -0.98 -6.00 6.45
O2 0V5 F . -2.90 -5.67 7.87
P 0V5 F . -2.22 -5.82 9.33
O1P 0V5 F . -0.89 -5.11 9.26
O2P 0V5 F . -3.18 -5.16 10.33
O3P 0V5 F . -2.08 -7.32 9.58
C1 EDO G . -9.92 -30.05 34.39
O1 EDO G . -9.14 -29.10 33.67
C2 EDO G . -10.91 -29.43 35.30
O2 EDO G . -12.23 -29.91 35.10
C1 CIT H . -0.36 -9.67 5.26
C1 CIT H . -0.22 -13.85 5.69
O1 CIT H . 0.73 -9.14 4.96
O1 CIT H . 0.47 -13.95 4.65
O2 CIT H . -1.29 -9.07 5.86
O2 CIT H . -0.01 -14.51 6.71
C2 CIT H . -0.58 -11.14 4.95
C2 CIT H . -1.37 -12.86 5.68
C3 CIT H . -1.35 -11.91 6.03
C3 CIT H . -2.72 -13.40 6.18
O7 CIT H . -2.68 -11.43 6.09
O7 CIT H . -2.86 -14.76 5.79
C4 CIT H . -1.37 -13.41 5.69
C4 CIT H . -2.77 -13.30 7.70
C5 CIT H . -0.04 -14.12 5.64
C5 CIT H . -4.13 -13.56 8.33
O3 CIT H . 0.63 -14.06 4.60
O3 CIT H . -4.87 -12.59 8.57
O4 CIT H . 0.32 -14.77 6.64
O4 CIT H . -4.45 -14.74 8.57
C6 CIT H . -0.66 -11.68 7.41
C6 CIT H . -3.87 -12.56 5.56
O5 CIT H . 0.57 -11.68 7.42
O5 CIT H . -3.60 -11.41 5.18
O6 CIT H . -1.40 -11.47 8.39
O6 CIT H . -4.98 -13.11 5.47
CL CL I . -12.72 -32.47 14.79
#